data_3USB
#
_entry.id   3USB
#
_cell.length_a   122.519
_cell.length_b   122.519
_cell.length_c   140.900
_cell.angle_alpha   90.00
_cell.angle_beta   90.00
_cell.angle_gamma   90.00
#
_symmetry.space_group_name_H-M   'I 4'
#
loop_
_entity.id
_entity.type
_entity.pdbx_description
1 polymer "Inosine-5'-monophosphate dehydrogenase"
2 non-polymer 'INOSINIC ACID'
3 non-polymer 'SULFATE ION'
4 non-polymer GLYCEROL
5 non-polymer 'CHLORIDE ION'
6 water water
#
_entity_poly.entity_id   1
_entity_poly.type   'polypeptide(L)'
_entity_poly.pdbx_seq_one_letter_code
;(MSE)HHHHHHSSGVDLGTENLYFQSNA(MSE)WESKFVKEGLTFDDVLLVPAKSDVLPREVSVKTVLSESLQLNIPLIS
AG(MSE)DTVTEAD(MSE)AIA(MSE)ARQGGLGIIHKN(MSE)SIEQQAEQVDKVKRSESGVISDPFFLTPEHQVYDAE
HL(MSE)GKYRISGVPVVNNLDERKLVGIITNRD(MSE)RFIQDYSIKISDV(MSE)TKEQLITAPVGTTLSEAEKILQK
YKIEKLPLVDNNGVLQGLITIKDIEKVIEFPNSAKDKQGRLLVGAAVGVTADA(MSE)TRIDALVKASVDAIVLDTAHGH
SQGVIDKVKEVRAKYPSLNIIAGNVATAEATKALIEAGANVVKVGIGPGSICTTRVVAGVGVPQLTAVYDCATEARKHGI
PVIADGGIKYSGD(MSE)VKALAAGAHVV(MSE)LGS(MSE)FAGVAESPGETEIYQGRQFKVYRG(MSE)GSVGA
(MSE)EKGSKDRYFQEGNKKLVPEGIEGRVPYKGPLADTVHQLVGGLRAG(MSE)GYCGAQDLEFLRENAQFIR(MSE)S
GAGLLESHPHHVQITKEAPNYSL
;
_entity_poly.pdbx_strand_id   A,B
#
# COMPACT_ATOMS: atom_id res chain seq x y z
N LEU A 18 -44.67 -12.11 -9.77
CA LEU A 18 -43.70 -12.40 -10.83
C LEU A 18 -42.27 -12.36 -10.29
N TYR A 19 -42.04 -11.48 -9.33
CA TYR A 19 -40.72 -11.35 -8.69
C TYR A 19 -40.83 -11.61 -7.20
N PHE A 20 -39.92 -12.42 -6.69
CA PHE A 20 -39.91 -12.79 -5.29
C PHE A 20 -39.88 -11.52 -4.43
N GLN A 21 -40.86 -11.39 -3.54
CA GLN A 21 -40.97 -10.25 -2.65
C GLN A 21 -40.78 -8.90 -3.37
N SER A 22 -41.49 -8.67 -4.48
CA SER A 22 -41.25 -7.44 -5.24
C SER A 22 -41.57 -6.18 -4.42
N ASN A 23 -42.45 -6.35 -3.43
CA ASN A 23 -42.89 -5.27 -2.55
C ASN A 23 -42.08 -5.14 -1.26
N ALA A 24 -41.05 -5.96 -1.09
CA ALA A 24 -40.25 -5.91 0.13
C ALA A 24 -39.63 -4.54 0.41
N TRP A 26 -40.54 -1.61 -0.68
CA TRP A 26 -41.62 -0.67 -0.36
C TRP A 26 -42.08 -0.82 1.09
N GLU A 27 -42.24 -2.05 1.56
CA GLU A 27 -42.76 -2.27 2.90
C GLU A 27 -41.74 -2.03 4.01
N SER A 28 -40.45 -2.07 3.69
CA SER A 28 -39.46 -1.85 4.73
C SER A 28 -39.09 -0.37 4.91
N LYS A 29 -39.69 0.53 4.13
CA LYS A 29 -39.26 1.93 4.10
C LYS A 29 -39.04 2.57 5.47
N PHE A 30 -40.01 2.38 6.36
CA PHE A 30 -40.06 2.95 7.69
C PHE A 30 -39.65 2.10 8.87
N VAL A 31 -39.18 0.90 8.60
CA VAL A 31 -38.85 -0.04 9.65
C VAL A 31 -37.63 0.28 10.56
N LYS A 32 -36.51 0.77 10.03
CA LYS A 32 -35.32 0.98 10.87
C LYS A 32 -35.45 2.07 11.95
N GLU A 33 -34.84 1.87 13.12
CA GLU A 33 -34.80 2.92 14.14
C GLU A 33 -33.36 3.21 14.45
N GLY A 34 -33.03 4.40 14.88
CA GLY A 34 -31.64 4.61 15.26
C GLY A 34 -31.53 5.51 16.47
N LEU A 35 -30.39 5.47 17.12
CA LEU A 35 -30.21 6.11 18.41
C LEU A 35 -29.02 7.02 18.29
N THR A 36 -29.10 8.17 18.93
CA THR A 36 -27.97 9.05 19.00
C THR A 36 -27.47 9.12 20.45
N PHE A 37 -26.41 9.88 20.70
CA PHE A 37 -25.81 9.98 22.02
C PHE A 37 -26.78 10.29 23.18
N ASP A 38 -27.67 11.26 22.99
CA ASP A 38 -28.57 11.65 24.06
C ASP A 38 -29.70 10.67 24.33
N ASP A 39 -29.85 9.64 23.49
CA ASP A 39 -30.90 8.64 23.64
C ASP A 39 -30.53 7.59 24.67
N VAL A 40 -29.27 7.56 25.12
CA VAL A 40 -28.80 6.45 25.94
C VAL A 40 -27.83 6.82 27.05
N LEU A 41 -27.70 5.93 28.03
CA LEU A 41 -26.63 6.02 29.02
C LEU A 41 -25.97 4.65 29.11
N LEU A 42 -24.74 4.62 29.61
CA LEU A 42 -24.02 3.38 29.86
C LEU A 42 -24.37 2.82 31.22
N VAL A 43 -24.56 1.51 31.30
CA VAL A 43 -24.96 0.91 32.57
C VAL A 43 -23.72 0.53 33.39
N PRO A 44 -23.66 0.96 34.64
CA PRO A 44 -22.53 0.52 35.48
C PRO A 44 -22.48 -1.00 35.62
N ALA A 45 -21.29 -1.56 35.62
CA ALA A 45 -21.12 -3.01 35.76
C ALA A 45 -20.05 -3.22 36.84
N LYS A 46 -19.94 -4.46 37.32
CA LYS A 46 -18.95 -4.83 38.32
C LYS A 46 -17.55 -4.38 37.85
N SER A 47 -16.84 -3.68 38.73
CA SER A 47 -15.54 -3.12 38.40
C SER A 47 -14.49 -3.48 39.45
N ASP A 48 -13.39 -4.07 39.01
CA ASP A 48 -12.21 -4.31 39.84
C ASP A 48 -11.10 -3.30 39.61
N VAL A 49 -11.36 -2.30 38.77
CA VAL A 49 -10.27 -1.45 38.30
C VAL A 49 -10.49 0.06 38.44
N LEU A 50 -9.52 0.73 39.07
CA LEU A 50 -9.54 2.18 39.23
C LEU A 50 -9.28 2.94 37.92
N PRO A 51 -10.03 4.03 37.70
CA PRO A 51 -9.91 4.87 36.51
C PRO A 51 -8.46 5.23 36.14
N ARG A 52 -7.58 5.38 37.11
CA ARG A 52 -6.19 5.71 36.78
C ARG A 52 -5.33 4.52 36.29
N GLU A 53 -5.71 3.29 36.64
CA GLU A 53 -4.93 2.12 36.20
C GLU A 53 -5.47 1.50 34.88
N VAL A 54 -6.57 2.05 34.41
CA VAL A 54 -7.20 1.66 33.16
C VAL A 54 -6.33 2.00 31.94
N SER A 55 -6.38 1.16 30.92
CA SER A 55 -5.60 1.45 29.72
C SER A 55 -6.44 2.11 28.62
N VAL A 56 -6.02 3.28 28.15
CA VAL A 56 -6.68 3.98 27.03
C VAL A 56 -6.02 3.79 25.66
N LYS A 57 -5.00 2.93 25.58
CA LYS A 57 -4.32 2.63 24.32
C LYS A 57 -5.24 1.95 23.33
N THR A 58 -5.00 2.20 22.06
CA THR A 58 -5.75 1.52 21.02
C THR A 58 -4.90 1.35 19.77
N VAL A 59 -5.02 0.18 19.14
CA VAL A 59 -4.25 -0.13 17.93
C VAL A 59 -5.15 -0.02 16.69
N LEU A 60 -4.86 0.91 15.78
CA LEU A 60 -5.56 0.99 14.48
C LEU A 60 -4.96 -0.01 13.48
N SER A 61 -3.65 -0.23 13.58
CA SER A 61 -2.97 -1.29 12.86
C SER A 61 -1.58 -1.41 13.46
N GLU A 62 -0.82 -2.41 13.02
CA GLU A 62 0.53 -2.63 13.55
C GLU A 62 1.41 -1.38 13.44
N SER A 63 1.23 -0.64 12.35
CA SER A 63 1.99 0.58 12.15
C SER A 63 1.24 1.85 12.59
N LEU A 64 0.03 1.73 13.16
CA LEU A 64 -0.59 2.87 13.82
C LEU A 64 -1.13 2.54 15.21
N GLN A 65 -0.40 2.95 16.23
CA GLN A 65 -0.68 2.54 17.59
C GLN A 65 -0.76 3.83 18.40
N LEU A 66 -1.95 4.11 18.92
CA LEU A 66 -2.23 5.37 19.58
C LEU A 66 -2.26 5.12 21.06
N ASN A 67 -1.87 6.13 21.85
CA ASN A 67 -1.95 6.01 23.29
C ASN A 67 -3.20 6.63 23.95
N ILE A 68 -4.03 7.32 23.16
CA ILE A 68 -5.35 7.79 23.57
C ILE A 68 -6.22 7.70 22.32
N PRO A 69 -7.53 7.45 22.45
CA PRO A 69 -8.26 7.08 21.22
C PRO A 69 -8.90 8.30 20.53
N LEU A 70 -8.06 9.27 20.14
CA LEU A 70 -8.47 10.56 19.64
C LEU A 70 -7.73 10.90 18.36
N ILE A 71 -8.46 11.42 17.40
CA ILE A 71 -7.86 11.89 16.18
C ILE A 71 -8.41 13.28 15.92
N SER A 72 -7.55 14.20 15.51
CA SER A 72 -8.00 15.54 15.17
C SER A 72 -8.35 15.57 13.70
N ALA A 73 -9.51 16.14 13.38
CA ALA A 73 -9.99 16.11 12.00
C ALA A 73 -9.12 16.84 11.00
N GLY A 74 -9.28 16.41 9.77
CA GLY A 74 -8.57 16.83 8.57
C GLY A 74 -9.18 18.11 7.98
N ASP A 76 -9.40 22.51 7.69
CA ASP A 76 -8.49 23.66 7.71
C ASP A 76 -8.62 24.57 8.93
N THR A 77 -9.66 24.40 9.73
CA THR A 77 -9.78 25.13 10.99
C THR A 77 -9.30 24.28 12.19
N VAL A 78 -8.83 23.08 11.90
CA VAL A 78 -8.47 22.13 12.95
C VAL A 78 -6.99 21.69 12.89
N THR A 79 -6.55 21.08 11.80
CA THR A 79 -5.25 20.44 11.82
C THR A 79 -4.26 20.82 10.71
N GLU A 80 -3.19 21.47 11.14
CA GLU A 80 -1.98 21.66 10.36
C GLU A 80 -0.83 21.14 11.23
N ALA A 81 0.41 21.35 10.84
CA ALA A 81 1.55 20.73 11.52
C ALA A 81 1.59 20.93 13.04
N ASP A 82 1.32 22.15 13.52
CA ASP A 82 1.38 22.41 14.96
C ASP A 82 0.36 21.57 15.73
N ALA A 84 -1.01 18.68 14.55
CA ALA A 84 -0.65 17.27 14.38
C ALA A 84 0.43 16.87 15.39
N ILE A 85 1.39 17.77 15.62
CA ILE A 85 2.48 17.55 16.58
C ILE A 85 1.95 17.50 18.02
N ALA A 86 1.06 18.43 18.35
CA ALA A 86 0.49 18.47 19.70
C ALA A 86 -0.33 17.22 19.96
N ALA A 88 -0.11 14.14 18.46
CA ALA A 88 0.74 12.93 18.58
C ALA A 88 1.50 12.93 19.90
N ARG A 89 1.92 14.10 20.36
CA ARG A 89 2.58 14.22 21.67
C ARG A 89 1.67 13.78 22.81
N GLN A 90 0.37 14.01 22.65
CA GLN A 90 -0.61 13.60 23.64
C GLN A 90 -0.95 12.11 23.54
N GLY A 91 -0.51 11.46 22.45
CA GLY A 91 -0.80 10.06 22.20
C GLY A 91 -1.80 9.79 21.11
N GLY A 92 -2.29 10.86 20.47
CA GLY A 92 -3.34 10.74 19.47
C GLY A 92 -2.76 10.90 18.08
N LEU A 93 -3.59 11.23 17.10
CA LEU A 93 -3.12 11.37 15.73
C LEU A 93 -3.75 12.59 15.09
N GLY A 94 -2.97 13.48 14.48
CA GLY A 94 -3.56 14.57 13.70
C GLY A 94 -3.67 14.24 12.24
N ILE A 95 -4.69 14.76 11.55
CA ILE A 95 -4.82 14.52 10.11
C ILE A 95 -4.67 15.83 9.37
N ILE A 96 -3.55 16.02 8.65
CA ILE A 96 -3.29 17.32 7.99
C ILE A 96 -4.33 17.47 6.89
N HIS A 97 -4.97 18.62 6.82
CA HIS A 97 -6.05 18.84 5.86
C HIS A 97 -5.49 19.02 4.44
N LYS A 98 -6.33 18.80 3.44
CA LYS A 98 -5.99 18.89 2.00
C LYS A 98 -6.28 20.25 1.28
N ASN A 99 -6.69 21.27 2.05
N ASN A 99 -6.66 21.25 2.05
CA ASN A 99 -7.06 22.60 1.51
CA ASN A 99 -7.09 22.52 1.47
C ASN A 99 -5.83 23.44 1.22
C ASN A 99 -5.90 23.40 1.09
N SER A 101 -1.94 23.07 -1.38
CA SER A 101 -1.32 22.36 -2.48
C SER A 101 -0.61 21.08 -2.00
N ILE A 102 -0.33 20.18 -2.95
CA ILE A 102 0.35 18.93 -2.69
C ILE A 102 1.68 19.13 -1.99
N GLU A 103 2.52 20.02 -2.51
CA GLU A 103 3.82 20.29 -1.90
C GLU A 103 3.68 20.86 -0.49
N GLN A 104 2.70 21.72 -0.29
CA GLN A 104 2.47 22.28 1.03
C GLN A 104 2.06 21.19 2.01
N GLN A 105 1.16 20.30 1.58
CA GLN A 105 0.75 19.20 2.44
C GLN A 105 1.91 18.24 2.79
N ALA A 106 2.70 17.83 1.79
CA ALA A 106 3.84 16.94 2.07
C ALA A 106 4.84 17.63 2.99
N GLU A 107 4.97 18.94 2.86
CA GLU A 107 5.86 19.69 3.74
C GLU A 107 5.37 19.67 5.18
N GLN A 108 4.07 19.90 5.36
CA GLN A 108 3.43 19.81 6.68
C GLN A 108 3.67 18.44 7.30
N VAL A 109 3.44 17.37 6.52
CA VAL A 109 3.80 16.02 6.96
C VAL A 109 5.27 15.90 7.36
N ASP A 110 6.17 16.37 6.49
CA ASP A 110 7.61 16.35 6.80
C ASP A 110 7.95 17.01 8.15
N LYS A 111 7.27 18.11 8.50
CA LYS A 111 7.56 18.81 9.74
C LYS A 111 7.13 18.01 10.97
N VAL A 112 6.02 17.31 10.86
CA VAL A 112 5.59 16.48 11.94
C VAL A 112 6.57 15.30 12.13
N LYS A 113 6.90 14.61 11.05
CA LYS A 113 7.79 13.46 11.12
C LYS A 113 9.18 13.85 11.62
N ARG A 114 9.60 15.07 11.31
CA ARG A 114 10.94 15.50 11.73
C ARG A 114 10.98 16.33 13.01
N SER A 115 9.83 16.50 13.65
CA SER A 115 9.76 17.24 14.90
C SER A 115 10.73 16.71 15.96
N GLU A 116 10.81 15.39 16.08
CA GLU A 116 11.77 14.74 16.93
C GLU A 116 12.22 13.39 16.39
N SER A 117 13.49 13.08 16.56
CA SER A 117 14.11 11.87 16.07
C SER A 117 14.09 11.90 14.55
N GLY A 118 13.89 13.08 14.01
CA GLY A 118 13.76 13.31 12.59
C GLY A 118 14.97 13.11 11.71
N VAL A 119 16.13 13.48 12.20
CA VAL A 119 17.34 13.45 11.42
C VAL A 119 18.33 12.40 11.84
N ILE A 120 17.91 11.47 12.67
CA ILE A 120 18.79 10.40 13.11
C ILE A 120 19.33 9.45 12.04
N SER A 121 18.49 9.01 11.11
CA SER A 121 18.99 8.26 9.96
C SER A 121 19.10 8.96 8.60
N ASP A 122 18.47 10.13 8.43
CA ASP A 122 18.41 10.75 7.10
C ASP A 122 18.57 12.27 7.26
N PRO A 123 19.79 12.72 7.61
CA PRO A 123 19.97 14.10 8.07
C PRO A 123 19.94 15.08 6.93
N PHE A 124 19.54 16.33 7.20
CA PHE A 124 19.87 17.45 6.30
C PHE A 124 21.29 17.95 6.59
N PHE A 125 21.91 18.59 5.61
CA PHE A 125 23.26 19.10 5.74
C PHE A 125 23.52 20.22 4.73
N LEU A 126 24.58 20.98 4.95
CA LEU A 126 25.01 22.02 4.03
C LEU A 126 26.52 21.90 3.77
N THR A 127 27.01 22.62 2.75
CA THR A 127 28.45 22.71 2.54
C THR A 127 28.94 24.06 3.07
N PRO A 128 30.28 24.28 3.08
CA PRO A 128 30.73 25.61 3.54
C PRO A 128 30.33 26.74 2.57
N GLU A 129 30.04 26.39 1.34
CA GLU A 129 29.71 27.35 0.30
C GLU A 129 28.25 27.83 0.34
N HIS A 130 27.42 27.21 1.18
CA HIS A 130 26.05 27.67 1.35
C HIS A 130 26.05 28.93 2.19
N GLN A 131 25.03 29.76 2.03
CA GLN A 131 24.85 30.94 2.87
C GLN A 131 24.22 30.61 4.21
N VAL A 132 24.44 31.46 5.20
CA VAL A 132 23.82 31.32 6.49
C VAL A 132 22.29 31.35 6.38
N TYR A 133 21.79 31.83 5.23
CA TYR A 133 20.35 31.80 4.96
C TYR A 133 19.78 30.38 4.94
N ASP A 134 20.53 29.45 4.36
CA ASP A 134 20.12 28.06 4.30
C ASP A 134 20.08 27.42 5.68
N ALA A 135 20.99 27.83 6.56
CA ALA A 135 20.96 27.36 7.93
C ALA A 135 19.70 27.87 8.66
N GLU A 136 19.42 29.17 8.52
CA GLU A 136 18.22 29.74 9.14
C GLU A 136 16.96 29.06 8.63
N HIS A 137 16.94 28.79 7.33
CA HIS A 137 15.79 28.11 6.73
C HIS A 137 15.57 26.71 7.34
N LEU A 138 16.61 25.87 7.34
CA LEU A 138 16.49 24.51 7.87
C LEU A 138 16.15 24.50 9.37
N GLY A 140 14.57 26.98 10.95
CA GLY A 140 13.21 27.49 11.06
C GLY A 140 12.20 26.43 10.65
N LYS A 141 12.44 25.82 9.51
CA LYS A 141 11.51 24.83 8.98
C LYS A 141 11.23 23.67 9.96
N TYR A 142 12.28 23.07 10.51
CA TYR A 142 12.11 21.93 11.41
C TYR A 142 12.15 22.20 12.90
N ARG A 143 12.49 23.41 13.31
CA ARG A 143 12.70 23.74 14.71
C ARG A 143 13.77 22.88 15.36
N ILE A 144 14.82 22.63 14.60
CA ILE A 144 15.97 21.89 15.02
C ILE A 144 17.10 22.90 15.07
N SER A 145 17.85 22.93 16.14
CA SER A 145 18.81 24.03 16.34
C SER A 145 20.24 23.81 15.88
N GLY A 146 20.50 22.77 15.12
CA GLY A 146 21.79 22.63 14.48
C GLY A 146 21.72 22.13 13.06
N VAL A 147 22.60 22.61 12.20
CA VAL A 147 22.72 22.10 10.85
C VAL A 147 24.11 21.53 10.59
N PRO A 148 24.20 20.21 10.32
CA PRO A 148 25.51 19.63 10.02
C PRO A 148 26.12 20.24 8.78
N VAL A 149 27.42 20.39 8.76
CA VAL A 149 28.10 20.89 7.58
C VAL A 149 29.08 19.82 7.05
N VAL A 150 29.02 19.53 5.76
CA VAL A 150 29.92 18.55 5.15
C VAL A 150 30.77 19.21 4.07
N ASN A 151 31.90 18.59 3.74
CA ASN A 151 32.84 19.17 2.75
C ASN A 151 32.22 19.36 1.38
N ASN A 152 31.54 18.33 0.88
CA ASN A 152 30.79 18.42 -0.38
C ASN A 152 29.66 17.42 -0.45
N LEU A 153 28.73 17.66 -1.38
CA LEU A 153 27.52 16.83 -1.53
C LEU A 153 27.80 15.40 -1.98
N ASP A 154 29.04 15.13 -2.36
CA ASP A 154 29.44 13.81 -2.84
C ASP A 154 30.00 12.89 -1.74
N GLU A 155 31.13 13.27 -1.13
CA GLU A 155 31.68 12.51 -0.01
C GLU A 155 30.83 12.63 1.24
N ARG A 156 30.28 13.82 1.45
CA ARG A 156 29.48 14.13 2.63
C ARG A 156 30.26 13.86 3.91
N LYS A 157 31.51 14.31 3.92
CA LYS A 157 32.38 14.15 5.08
C LYS A 157 32.16 15.33 6.00
N LEU A 158 31.95 15.05 7.30
CA LEU A 158 31.53 16.09 8.23
C LEU A 158 32.70 17.04 8.55
N VAL A 159 32.56 18.32 8.21
CA VAL A 159 33.55 19.31 8.63
C VAL A 159 33.16 20.20 9.82
N GLY A 160 31.91 20.07 10.28
CA GLY A 160 31.45 20.95 11.34
C GLY A 160 29.95 21.09 11.47
N ILE A 161 29.52 22.01 12.32
CA ILE A 161 28.10 22.21 12.54
C ILE A 161 27.81 23.67 12.87
N ILE A 162 26.72 24.20 12.33
CA ILE A 162 26.31 25.56 12.64
C ILE A 162 25.04 25.54 13.49
N THR A 163 25.10 26.15 14.66
CA THR A 163 24.00 26.03 15.60
C THR A 163 23.34 27.37 15.92
N ASN A 164 22.27 27.28 16.71
CA ASN A 164 21.49 28.45 17.13
C ASN A 164 22.37 29.43 17.91
N ARG A 165 23.37 28.89 18.59
CA ARG A 165 24.32 29.70 19.33
C ARG A 165 25.34 30.40 18.43
N ASP A 166 25.64 29.83 17.27
CA ASP A 166 26.52 30.49 16.32
C ASP A 166 25.78 31.71 15.78
N ARG A 168 23.72 33.70 17.20
CA ARG A 168 23.70 34.85 18.12
C ARG A 168 24.67 35.94 17.67
N PHE A 169 25.80 35.52 17.11
CA PHE A 169 26.86 36.44 16.71
C PHE A 169 26.86 36.84 15.25
N ILE A 170 25.95 36.27 14.48
CA ILE A 170 25.93 36.58 13.07
C ILE A 170 24.89 37.65 12.83
N GLN A 171 25.32 38.76 12.27
CA GLN A 171 24.42 39.85 11.94
C GLN A 171 23.87 39.66 10.54
N ASP A 172 24.74 39.69 9.54
CA ASP A 172 24.36 39.46 8.16
C ASP A 172 24.26 37.95 7.87
N TYR A 173 23.16 37.50 7.27
CA TYR A 173 22.99 36.07 6.96
C TYR A 173 23.39 35.68 5.53
N SER A 174 23.77 36.67 4.71
CA SER A 174 24.03 36.43 3.30
C SER A 174 25.42 35.84 3.05
N ILE A 175 26.21 35.75 4.11
CA ILE A 175 27.59 35.29 4.01
C ILE A 175 27.75 33.77 3.93
N LYS A 176 28.87 33.35 3.32
CA LYS A 176 29.23 31.94 3.24
C LYS A 176 29.41 31.31 4.62
N ILE A 177 29.01 30.05 4.75
CA ILE A 177 29.13 29.31 5.99
C ILE A 177 30.59 29.01 6.33
N SER A 178 31.45 28.98 5.31
CA SER A 178 32.88 28.80 5.54
C SER A 178 33.43 29.96 6.36
N ASP A 179 32.88 31.16 6.16
CA ASP A 179 33.32 32.35 6.89
C ASP A 179 32.98 32.23 8.37
N VAL A 180 31.73 31.86 8.64
CA VAL A 180 31.17 31.91 9.98
C VAL A 180 31.42 30.65 10.80
N THR A 182 33.05 28.13 12.98
CA THR A 182 34.18 27.96 13.87
C THR A 182 34.75 26.57 13.64
N LYS A 183 36.08 26.50 13.51
CA LYS A 183 36.72 25.20 13.44
C LYS A 183 37.10 24.84 14.88
N GLU A 184 36.39 23.85 15.38
CA GLU A 184 36.36 23.53 16.81
C GLU A 184 36.36 22.01 16.86
N GLN A 185 36.79 21.44 17.98
CA GLN A 185 36.79 20.00 18.11
C GLN A 185 35.35 19.51 18.28
N LEU A 186 34.90 18.66 17.37
CA LEU A 186 33.53 18.13 17.37
C LEU A 186 33.50 16.80 18.08
N ILE A 187 32.43 16.52 18.80
CA ILE A 187 32.23 15.16 19.28
C ILE A 187 31.26 14.43 18.33
N THR A 188 31.66 13.26 17.84
CA THR A 188 30.77 12.45 17.01
C THR A 188 30.55 11.12 17.69
N ALA A 189 29.47 10.45 17.32
CA ALA A 189 29.16 9.08 17.74
C ALA A 189 28.93 8.21 16.48
N PRO A 190 28.99 6.87 16.63
CA PRO A 190 28.76 6.00 15.47
C PRO A 190 27.30 5.86 15.08
N VAL A 191 27.10 5.39 13.86
CA VAL A 191 25.78 5.04 13.36
C VAL A 191 25.18 3.97 14.25
N GLY A 192 23.90 4.12 14.58
CA GLY A 192 23.24 3.12 15.40
C GLY A 192 23.22 3.50 16.86
N THR A 193 23.89 4.60 17.19
CA THR A 193 23.82 5.15 18.53
C THR A 193 22.37 5.45 18.82
N THR A 194 21.88 5.05 19.97
CA THR A 194 20.48 5.26 20.31
C THR A 194 20.33 6.49 21.18
N LEU A 195 19.07 6.84 21.49
CA LEU A 195 18.79 8.06 22.24
C LEU A 195 19.34 7.99 23.64
N SER A 196 19.16 6.86 24.29
CA SER A 196 19.56 6.73 25.69
C SER A 196 21.09 6.69 25.83
N GLU A 197 21.77 6.14 24.82
CA GLU A 197 23.22 6.24 24.71
C GLU A 197 23.64 7.69 24.49
N ALA A 198 22.99 8.34 23.51
CA ALA A 198 23.29 9.72 23.16
C ALA A 198 23.13 10.65 24.36
N GLU A 199 22.08 10.40 25.14
CA GLU A 199 21.84 11.18 26.34
C GLU A 199 23.05 11.16 27.29
N LYS A 200 23.68 10.00 27.42
CA LYS A 200 24.87 9.86 28.27
C LYS A 200 26.09 10.57 27.66
N ILE A 201 26.31 10.37 26.37
CA ILE A 201 27.37 11.07 25.65
C ILE A 201 27.17 12.59 25.67
N LEU A 202 25.92 13.04 25.52
CA LEU A 202 25.60 14.47 25.61
C LEU A 202 25.86 15.00 27.01
N GLN A 203 25.48 14.23 28.03
CA GLN A 203 25.76 14.61 29.43
C GLN A 203 27.26 14.65 29.73
N LYS A 204 27.98 13.64 29.26
CA LYS A 204 29.39 13.48 29.52
C LYS A 204 30.28 14.61 28.98
N TYR A 205 30.19 14.89 27.68
CA TYR A 205 31.01 15.90 27.06
C TYR A 205 30.41 17.31 27.16
N LYS A 206 29.24 17.41 27.80
CA LYS A 206 28.53 18.68 27.96
C LYS A 206 28.13 19.37 26.64
N ILE A 207 27.49 18.63 25.73
CA ILE A 207 27.13 19.18 24.43
C ILE A 207 25.62 19.05 24.19
N GLU A 208 25.06 19.86 23.29
CA GLU A 208 23.66 19.72 22.91
C GLU A 208 23.36 19.00 21.58
N LYS A 209 24.40 18.66 20.82
CA LYS A 209 24.25 18.12 19.47
C LYS A 209 25.27 16.99 19.28
N LEU A 210 24.82 15.88 18.71
CA LEU A 210 25.70 14.74 18.47
C LEU A 210 25.57 14.21 17.04
N PRO A 211 26.40 14.71 16.11
CA PRO A 211 26.38 14.18 14.75
C PRO A 211 26.77 12.71 14.76
N LEU A 212 26.12 11.89 13.95
CA LEU A 212 26.51 10.49 13.83
C LEU A 212 27.27 10.31 12.53
N VAL A 213 28.43 9.64 12.58
CA VAL A 213 29.22 9.40 11.37
C VAL A 213 29.64 7.95 11.27
N ASP A 214 30.10 7.54 10.09
CA ASP A 214 30.67 6.20 9.92
C ASP A 214 32.18 6.15 10.11
N ASN A 215 32.80 5.04 9.76
CA ASN A 215 34.25 4.89 9.92
C ASN A 215 35.07 5.83 9.06
N ASN A 216 34.47 6.34 7.99
CA ASN A 216 35.19 7.24 7.11
C ASN A 216 34.96 8.72 7.36
N GLY A 217 34.18 9.03 8.40
CA GLY A 217 33.87 10.41 8.74
C GLY A 217 32.68 10.97 7.97
N VAL A 218 31.92 10.10 7.32
CA VAL A 218 30.78 10.51 6.52
C VAL A 218 29.55 10.66 7.42
N LEU A 219 28.91 11.83 7.36
CA LEU A 219 27.74 12.08 8.18
C LEU A 219 26.65 11.09 7.83
N GLN A 220 26.18 10.31 8.80
CA GLN A 220 24.94 9.54 8.67
C GLN A 220 23.70 10.05 9.43
N GLY A 221 23.87 11.05 10.28
CA GLY A 221 22.79 11.35 11.19
C GLY A 221 23.10 12.39 12.24
N LEU A 222 22.05 12.82 12.93
CA LEU A 222 22.21 13.79 14.01
C LEU A 222 21.19 13.52 15.11
N ILE A 223 21.67 13.57 16.35
CA ILE A 223 20.81 13.52 17.53
C ILE A 223 21.00 14.82 18.33
N THR A 224 19.92 15.36 18.87
CA THR A 224 19.98 16.61 19.60
C THR A 224 19.42 16.38 20.99
N ILE A 225 19.68 17.32 21.89
CA ILE A 225 19.25 17.16 23.26
C ILE A 225 17.73 17.23 23.28
N LYS A 226 17.17 17.95 22.32
CA LYS A 226 15.74 18.07 22.19
C LYS A 226 15.08 16.71 21.84
N ASP A 227 15.75 15.89 21.03
CA ASP A 227 15.22 14.56 20.71
C ASP A 227 15.03 13.79 22.01
N ILE A 228 15.99 13.97 22.92
CA ILE A 228 15.97 13.34 24.22
C ILE A 228 14.99 14.01 25.18
N GLU A 229 14.95 15.33 25.19
CA GLU A 229 14.06 16.04 26.09
C GLU A 229 12.56 15.80 25.82
N LYS A 230 12.19 15.70 24.54
CA LYS A 230 10.81 15.53 24.16
C LYS A 230 10.26 14.14 24.56
N VAL A 231 11.11 13.13 24.54
CA VAL A 231 10.73 11.82 25.07
C VAL A 231 10.32 11.94 26.53
N ILE A 232 11.06 12.72 27.32
CA ILE A 232 10.75 12.89 28.74
C ILE A 232 9.50 13.75 28.96
N GLU A 233 9.45 14.87 28.25
CA GLU A 233 8.34 15.80 28.35
C GLU A 233 6.98 15.20 27.95
N PHE A 234 6.97 14.31 26.96
CA PHE A 234 5.73 13.73 26.47
C PHE A 234 5.81 12.21 26.44
N PRO A 235 5.72 11.55 27.60
CA PRO A 235 5.94 10.09 27.67
C PRO A 235 4.87 9.30 26.92
N ASN A 236 3.73 9.93 26.63
CA ASN A 236 2.63 9.27 25.93
C ASN A 236 2.59 9.46 24.41
N SER A 237 3.61 10.09 23.83
CA SER A 237 3.63 10.32 22.38
C SER A 237 3.35 9.06 21.57
N ALA A 238 2.57 9.24 20.52
CA ALA A 238 2.28 8.17 19.57
C ALA A 238 3.33 8.25 18.45
N LYS A 239 4.15 7.22 18.31
CA LYS A 239 5.33 7.31 17.47
C LYS A 239 5.41 6.11 16.57
N ASP A 240 6.14 6.25 15.48
CA ASP A 240 6.45 5.15 14.60
C ASP A 240 7.60 4.30 15.16
N LYS A 241 8.00 3.27 14.43
CA LYS A 241 9.07 2.38 14.84
C LYS A 241 10.42 3.07 15.03
N GLN A 242 10.67 4.13 14.31
CA GLN A 242 11.90 4.85 14.50
C GLN A 242 11.85 6.00 15.50
N GLY A 243 10.77 6.11 16.25
CA GLY A 243 10.65 7.15 17.24
C GLY A 243 10.15 8.52 16.81
N ARG A 244 9.64 8.63 15.61
CA ARG A 244 9.09 9.88 15.10
C ARG A 244 7.57 9.93 15.32
N LEU A 245 7.06 11.11 15.59
CA LEU A 245 5.62 11.31 15.75
C LEU A 245 4.83 10.76 14.57
N LEU A 246 3.73 10.07 14.87
CA LEU A 246 2.80 9.66 13.82
C LEU A 246 2.10 10.88 13.24
N VAL A 247 1.76 10.83 11.95
CA VAL A 247 0.89 11.85 11.35
C VAL A 247 0.03 11.22 10.21
N GLY A 248 -1.21 11.69 10.07
CA GLY A 248 -2.04 11.35 8.92
C GLY A 248 -2.22 12.52 7.97
N ALA A 249 -2.84 12.26 6.82
CA ALA A 249 -3.10 13.32 5.88
C ALA A 249 -4.36 13.00 5.06
N ALA A 250 -5.17 14.03 4.80
CA ALA A 250 -6.41 13.87 4.04
C ALA A 250 -6.14 13.90 2.55
N VAL A 251 -6.88 13.11 1.80
CA VAL A 251 -6.79 13.08 0.35
C VAL A 251 -8.20 13.01 -0.19
N GLY A 252 -8.51 13.74 -1.25
CA GLY A 252 -9.84 13.66 -1.81
C GLY A 252 -9.94 12.55 -2.85
N VAL A 253 -11.15 12.18 -3.23
CA VAL A 253 -11.25 11.22 -4.30
C VAL A 253 -11.39 12.08 -5.54
N THR A 254 -10.32 12.14 -6.33
CA THR A 254 -10.24 13.00 -7.49
C THR A 254 -9.16 12.44 -8.39
N ALA A 255 -9.00 13.06 -9.55
CA ALA A 255 -8.08 12.55 -10.57
C ALA A 255 -6.65 12.65 -10.06
N ASP A 256 -6.37 13.68 -9.28
CA ASP A 256 -5.01 13.89 -8.76
C ASP A 256 -4.75 13.30 -7.36
N ALA A 257 -5.68 12.51 -6.81
CA ALA A 257 -5.48 11.87 -5.51
C ALA A 257 -4.14 11.11 -5.43
N THR A 259 -1.38 11.45 -7.19
CA THR A 259 -0.24 12.34 -7.23
C THR A 259 -0.03 12.90 -5.84
N ARG A 260 -1.14 13.23 -5.16
CA ARG A 260 -1.08 13.75 -3.81
C ARG A 260 -0.59 12.67 -2.83
N ILE A 261 -1.14 11.46 -2.94
CA ILE A 261 -0.73 10.34 -2.09
C ILE A 261 0.75 10.02 -2.27
N ASP A 262 1.20 9.95 -3.53
CA ASP A 262 2.63 9.74 -3.82
C ASP A 262 3.55 10.69 -3.04
N ALA A 263 3.20 11.96 -2.99
CA ALA A 263 4.05 12.94 -2.33
C ALA A 263 4.00 12.76 -0.82
N LEU A 264 2.82 12.38 -0.30
CA LEU A 264 2.67 12.17 1.13
C LEU A 264 3.45 10.95 1.62
N VAL A 265 3.40 9.87 0.84
CA VAL A 265 4.13 8.65 1.15
C VAL A 265 5.64 8.92 1.08
N LYS A 266 6.05 9.71 0.10
CA LYS A 266 7.46 10.06 0.00
C LYS A 266 7.86 10.94 1.20
N ALA A 267 6.92 11.69 1.76
CA ALA A 267 7.18 12.47 2.98
C ALA A 267 7.02 11.62 4.25
N SER A 268 6.75 10.33 4.06
CA SER A 268 6.69 9.38 5.17
C SER A 268 5.48 9.55 6.12
N VAL A 269 4.35 9.91 5.53
CA VAL A 269 3.04 9.91 6.19
C VAL A 269 2.70 8.52 6.77
N ASP A 270 2.06 8.47 7.93
CA ASP A 270 1.70 7.17 8.47
C ASP A 270 0.32 6.62 8.06
N ALA A 271 -0.55 7.50 7.58
CA ALA A 271 -1.86 7.09 7.13
C ALA A 271 -2.40 8.14 6.18
N ILE A 272 -3.24 7.73 5.23
CA ILE A 272 -4.00 8.72 4.51
C ILE A 272 -5.47 8.50 4.82
N VAL A 273 -6.21 9.61 4.82
CA VAL A 273 -7.63 9.53 5.01
C VAL A 273 -8.26 9.87 3.67
N LEU A 274 -8.86 8.89 3.01
CA LEU A 274 -9.49 9.14 1.73
C LEU A 274 -10.91 9.50 2.09
N ASP A 275 -11.25 10.76 1.97
CA ASP A 275 -12.39 11.31 2.67
C ASP A 275 -13.35 11.84 1.63
N THR A 276 -14.60 11.42 1.74
CA THR A 276 -15.63 11.99 0.88
C THR A 276 -16.98 11.96 1.60
N ALA A 277 -17.89 12.86 1.24
CA ALA A 277 -19.22 12.89 1.85
C ALA A 277 -19.93 11.54 1.85
N HIS A 278 -19.97 10.86 0.69
CA HIS A 278 -20.61 9.55 0.59
C HIS A 278 -19.57 8.48 0.24
N GLY A 279 -19.17 7.69 1.22
CA GLY A 279 -18.08 6.74 1.01
C GLY A 279 -18.55 5.51 0.25
N HIS A 280 -19.86 5.34 0.18
CA HIS A 280 -20.50 4.16 -0.40
C HIS A 280 -20.64 4.25 -1.92
N SER A 281 -19.86 5.09 -2.56
CA SER A 281 -19.94 5.22 -4.00
C SER A 281 -18.86 4.44 -4.75
N GLN A 282 -19.20 3.96 -5.94
CA GLN A 282 -18.27 3.17 -6.75
C GLN A 282 -16.92 3.87 -6.99
N GLY A 283 -16.93 5.20 -7.09
CA GLY A 283 -15.73 5.97 -7.32
C GLY A 283 -14.75 5.84 -6.16
N VAL A 284 -15.27 5.89 -4.94
CA VAL A 284 -14.46 5.74 -3.73
C VAL A 284 -13.89 4.33 -3.60
N ILE A 285 -14.71 3.32 -3.85
CA ILE A 285 -14.29 1.93 -3.79
C ILE A 285 -13.17 1.69 -4.81
N ASP A 286 -13.37 2.17 -6.04
CA ASP A 286 -12.34 2.05 -7.07
C ASP A 286 -11.05 2.73 -6.65
N LYS A 287 -11.17 3.90 -6.03
CA LYS A 287 -9.98 4.65 -5.62
C LYS A 287 -9.23 3.90 -4.51
N VAL A 288 -9.93 3.35 -3.53
CA VAL A 288 -9.29 2.51 -2.50
C VAL A 288 -8.62 1.27 -3.09
N LYS A 289 -9.27 0.64 -4.06
CA LYS A 289 -8.72 -0.55 -4.68
C LYS A 289 -7.40 -0.17 -5.32
N GLU A 290 -7.39 0.99 -5.95
CA GLU A 290 -6.26 1.47 -6.72
C GLU A 290 -5.11 1.84 -5.80
N VAL A 291 -5.39 2.54 -4.70
CA VAL A 291 -4.35 2.93 -3.77
C VAL A 291 -3.83 1.69 -3.02
N ARG A 292 -4.72 0.75 -2.70
CA ARG A 292 -4.31 -0.47 -2.02
C ARG A 292 -3.32 -1.26 -2.87
N ALA A 293 -3.57 -1.28 -4.18
CA ALA A 293 -2.76 -2.03 -5.12
C ALA A 293 -1.36 -1.42 -5.29
N LYS A 294 -1.27 -0.10 -5.41
CA LYS A 294 0.02 0.52 -5.55
C LYS A 294 0.83 0.51 -4.25
N TYR A 295 0.14 0.49 -3.09
CA TYR A 295 0.78 0.60 -1.77
C TYR A 295 0.21 -0.41 -0.76
N PRO A 296 0.66 -1.68 -0.84
CA PRO A 296 0.07 -2.76 -0.01
C PRO A 296 0.12 -2.52 1.50
N SER A 297 1.11 -1.76 1.96
CA SER A 297 1.31 -1.51 3.37
C SER A 297 0.80 -0.18 3.89
N LEU A 298 0.30 0.66 3.02
CA LEU A 298 -0.07 2.00 3.45
C LEU A 298 -1.34 1.92 4.31
N ASN A 299 -1.38 2.59 5.46
CA ASN A 299 -2.64 2.71 6.19
C ASN A 299 -3.64 3.60 5.42
N ILE A 300 -4.78 3.02 5.12
CA ILE A 300 -5.84 3.70 4.40
C ILE A 300 -7.06 3.79 5.30
N ILE A 301 -7.40 5.00 5.70
CA ILE A 301 -8.62 5.27 6.41
C ILE A 301 -9.62 5.78 5.36
N ALA A 302 -10.76 5.13 5.21
CA ALA A 302 -11.72 5.50 4.17
C ALA A 302 -13.10 5.74 4.76
N GLY A 303 -13.78 6.73 4.24
CA GLY A 303 -15.02 7.21 4.78
C GLY A 303 -15.70 8.15 3.82
N ASN A 304 -16.90 8.59 4.12
CA ASN A 304 -17.59 8.30 5.34
C ASN A 304 -18.76 7.41 5.04
N VAL A 305 -19.01 6.47 5.92
CA VAL A 305 -20.08 5.51 5.74
C VAL A 305 -20.92 5.46 7.01
N ALA A 306 -22.14 5.00 6.87
CA ALA A 306 -23.04 4.85 7.98
C ALA A 306 -23.77 3.52 8.06
N THR A 307 -23.42 2.60 7.17
CA THR A 307 -24.08 1.29 7.10
C THR A 307 -23.13 0.13 7.07
N ALA A 308 -23.65 -1.02 7.48
CA ALA A 308 -22.90 -2.25 7.50
C ALA A 308 -22.43 -2.64 6.10
N GLU A 309 -23.28 -2.45 5.11
CA GLU A 309 -23.00 -2.78 3.72
C GLU A 309 -21.88 -1.89 3.16
N ALA A 310 -21.90 -0.61 3.51
CA ALA A 310 -20.86 0.32 3.03
C ALA A 310 -19.54 -0.03 3.70
N THR A 311 -19.61 -0.42 4.96
CA THR A 311 -18.41 -0.80 5.68
C THR A 311 -17.76 -2.02 5.07
N LYS A 312 -18.58 -3.02 4.74
CA LYS A 312 -18.05 -4.21 4.08
C LYS A 312 -17.41 -3.90 2.71
N ALA A 313 -18.05 -3.04 1.92
CA ALA A 313 -17.50 -2.69 0.62
C ALA A 313 -16.12 -1.98 0.70
N LEU A 314 -15.97 -1.05 1.63
CA LEU A 314 -14.72 -0.32 1.78
C LEU A 314 -13.64 -1.24 2.31
N ILE A 315 -13.99 -2.13 3.22
CA ILE A 315 -13.03 -3.10 3.72
C ILE A 315 -12.56 -4.03 2.60
N GLU A 316 -13.49 -4.53 1.79
CA GLU A 316 -13.07 -5.44 0.73
C GLU A 316 -12.36 -4.72 -0.41
N ALA A 317 -12.58 -3.41 -0.56
CA ALA A 317 -11.79 -2.62 -1.50
C ALA A 317 -10.34 -2.43 -1.03
N GLY A 318 -10.08 -2.75 0.21
CA GLY A 318 -8.78 -2.59 0.81
C GLY A 318 -8.56 -1.59 1.92
N ALA A 319 -9.57 -0.88 2.36
CA ALA A 319 -9.40 0.01 3.50
C ALA A 319 -9.11 -0.76 4.78
N ASN A 320 -8.14 -0.32 5.54
CA ASN A 320 -7.92 -0.96 6.83
C ASN A 320 -8.48 -0.26 8.06
N VAL A 321 -8.93 0.97 7.89
CA VAL A 321 -9.74 1.67 8.86
C VAL A 321 -10.96 2.28 8.19
N VAL A 322 -12.11 2.12 8.80
CA VAL A 322 -13.32 2.68 8.26
C VAL A 322 -13.85 3.87 9.09
N LYS A 323 -14.10 4.99 8.42
CA LYS A 323 -14.58 6.16 9.11
C LYS A 323 -16.08 6.33 9.01
N VAL A 324 -16.70 6.51 10.16
CA VAL A 324 -18.13 6.44 10.27
C VAL A 324 -18.77 7.76 10.68
N GLY A 325 -19.73 8.18 9.88
CA GLY A 325 -20.64 9.24 10.19
C GLY A 325 -21.12 10.05 9.02
N ILE A 326 -22.42 9.99 8.78
CA ILE A 326 -23.09 10.81 7.79
C ILE A 326 -24.22 11.58 8.46
N GLY A 327 -24.04 12.87 8.51
CA GLY A 327 -24.95 13.81 9.11
C GLY A 327 -24.74 14.21 10.56
N PRO A 328 -23.99 13.47 11.36
CA PRO A 328 -23.92 13.93 12.76
C PRO A 328 -23.01 15.17 12.96
N GLY A 329 -22.11 15.47 12.02
CA GLY A 329 -21.17 16.55 12.17
C GLY A 329 -21.89 17.83 12.54
N SER A 330 -21.33 18.58 13.50
CA SER A 330 -21.93 19.82 14.01
C SER A 330 -22.28 20.88 12.93
N ILE A 331 -21.37 21.08 11.98
CA ILE A 331 -21.59 22.00 10.87
C ILE A 331 -22.11 21.39 9.54
N CYS A 332 -22.39 20.09 9.54
CA CYS A 332 -23.04 19.45 8.39
C CYS A 332 -24.53 19.81 8.24
N THR A 333 -24.87 20.22 7.02
CA THR A 333 -26.23 20.59 6.63
C THR A 333 -26.92 19.42 5.94
N THR A 334 -26.19 18.32 5.89
CA THR A 334 -26.62 17.11 5.21
C THR A 334 -28.04 16.68 5.60
N ARG A 335 -28.34 16.68 6.90
CA ARG A 335 -29.69 16.33 7.37
C ARG A 335 -30.72 17.33 6.85
N VAL A 336 -30.46 18.63 7.00
CA VAL A 336 -31.46 19.63 6.64
C VAL A 336 -31.63 19.82 5.12
N VAL A 337 -30.52 19.81 4.40
CA VAL A 337 -30.50 20.10 2.99
C VAL A 337 -30.87 18.90 2.11
N ALA A 338 -30.22 17.77 2.37
CA ALA A 338 -30.49 16.54 1.64
C ALA A 338 -31.49 15.58 2.32
N GLY A 339 -31.82 15.84 3.58
CA GLY A 339 -32.67 14.92 4.33
C GLY A 339 -32.02 13.61 4.73
N VAL A 340 -30.71 13.56 4.72
CA VAL A 340 -30.01 12.26 4.84
C VAL A 340 -29.17 12.18 6.13
N GLY A 341 -29.07 10.98 6.67
CA GLY A 341 -28.23 10.76 7.84
C GLY A 341 -28.54 9.47 8.56
N VAL A 342 -27.68 9.11 9.51
CA VAL A 342 -28.02 8.01 10.41
C VAL A 342 -27.60 8.51 11.77
N PRO A 343 -28.43 8.31 12.81
CA PRO A 343 -28.06 8.70 14.18
C PRO A 343 -26.74 8.03 14.56
N GLN A 344 -25.83 8.79 15.15
CA GLN A 344 -24.43 8.39 15.13
C GLN A 344 -24.11 7.08 15.87
N LEU A 345 -24.81 6.79 16.96
N LEU A 345 -24.84 6.82 16.93
CA LEU A 345 -24.51 5.58 17.72
CA LEU A 345 -24.62 5.67 17.78
C LEU A 345 -24.98 4.35 16.96
C LEU A 345 -25.03 4.38 17.04
N THR A 346 -26.17 4.43 16.36
CA THR A 346 -26.59 3.36 15.47
C THR A 346 -25.59 3.14 14.30
N ALA A 347 -25.13 4.23 13.70
CA ALA A 347 -24.16 4.15 12.63
C ALA A 347 -22.88 3.45 13.12
N VAL A 348 -22.35 3.90 14.24
CA VAL A 348 -21.14 3.29 14.79
C VAL A 348 -21.35 1.81 15.08
N TYR A 349 -22.50 1.49 15.70
CA TYR A 349 -22.77 0.10 16.06
C TYR A 349 -22.96 -0.81 14.83
N ASP A 350 -23.72 -0.33 13.85
CA ASP A 350 -23.98 -1.09 12.64
C ASP A 350 -22.68 -1.32 11.87
N CYS A 351 -21.86 -0.28 11.75
CA CYS A 351 -20.58 -0.42 11.04
C CYS A 351 -19.59 -1.32 11.80
N ALA A 352 -19.50 -1.14 13.11
CA ALA A 352 -18.65 -1.98 13.94
C ALA A 352 -19.10 -3.46 13.92
N THR A 353 -20.39 -3.70 13.80
CA THR A 353 -20.87 -5.09 13.71
C THR A 353 -20.29 -5.78 12.48
N GLU A 354 -20.28 -5.09 11.33
CA GLU A 354 -19.65 -5.58 10.12
C GLU A 354 -18.12 -5.65 10.25
N ALA A 355 -17.51 -4.55 10.67
CA ALA A 355 -16.04 -4.44 10.74
C ALA A 355 -15.40 -5.43 11.73
N ARG A 356 -16.06 -5.72 12.85
CA ARG A 356 -15.59 -6.76 13.77
C ARG A 356 -15.31 -8.09 13.08
N LYS A 357 -16.18 -8.48 12.13
CA LYS A 357 -16.03 -9.76 11.45
C LYS A 357 -14.74 -9.83 10.65
N HIS A 358 -14.21 -8.68 10.25
CA HIS A 358 -12.96 -8.63 9.49
C HIS A 358 -11.72 -8.27 10.34
N GLY A 359 -11.89 -8.06 11.64
CA GLY A 359 -10.79 -7.55 12.43
C GLY A 359 -10.42 -6.10 12.13
N ILE A 360 -11.36 -5.34 11.57
CA ILE A 360 -11.13 -3.95 11.15
C ILE A 360 -11.70 -2.93 12.14
N PRO A 361 -10.88 -1.96 12.56
CA PRO A 361 -11.36 -0.92 13.48
C PRO A 361 -12.19 0.20 12.79
N VAL A 362 -13.14 0.82 13.51
CA VAL A 362 -13.83 1.99 12.99
C VAL A 362 -13.52 3.27 13.78
N ILE A 363 -13.55 4.40 13.08
CA ILE A 363 -13.44 5.71 13.68
C ILE A 363 -14.82 6.32 13.74
N ALA A 364 -15.21 6.84 14.91
CA ALA A 364 -16.50 7.54 15.01
C ALA A 364 -16.24 9.02 14.75
N ASP A 365 -16.72 9.51 13.62
CA ASP A 365 -16.44 10.86 13.17
C ASP A 365 -17.70 11.72 13.24
N GLY A 366 -17.70 12.71 14.11
CA GLY A 366 -18.76 13.72 14.14
C GLY A 366 -19.78 13.57 15.24
N GLY A 367 -20.28 14.72 15.70
CA GLY A 367 -21.40 14.79 16.62
C GLY A 367 -21.03 14.72 18.10
N ILE A 368 -19.74 14.70 18.41
CA ILE A 368 -19.31 14.63 19.80
C ILE A 368 -19.15 16.00 20.45
N LYS A 369 -19.89 16.18 21.54
CA LYS A 369 -20.05 17.43 22.30
C LYS A 369 -19.27 17.41 23.62
N TYR A 370 -19.50 16.37 24.42
CA TYR A 370 -18.88 16.19 25.73
C TYR A 370 -18.11 14.88 25.77
N SER A 371 -17.27 14.71 26.77
CA SER A 371 -16.52 13.47 26.93
C SER A 371 -17.43 12.26 27.05
N GLY A 372 -18.58 12.41 27.72
CA GLY A 372 -19.54 11.33 27.80
C GLY A 372 -19.92 10.75 26.44
N ASP A 373 -20.10 11.62 25.43
CA ASP A 373 -20.39 11.16 24.07
C ASP A 373 -19.27 10.30 23.50
N VAL A 375 -17.13 8.46 25.30
CA VAL A 375 -17.25 7.16 25.97
C VAL A 375 -18.32 6.29 25.30
N LYS A 376 -19.47 6.87 25.02
CA LYS A 376 -20.56 6.18 24.33
C LYS A 376 -20.18 5.68 22.93
N ALA A 377 -19.42 6.49 22.18
CA ALA A 377 -19.04 6.11 20.82
C ALA A 377 -18.09 4.91 20.84
N LEU A 378 -17.14 4.93 21.77
CA LEU A 378 -16.23 3.81 21.94
C LEU A 378 -16.98 2.57 22.44
N ALA A 379 -17.89 2.76 23.40
CA ALA A 379 -18.70 1.66 23.90
C ALA A 379 -19.64 1.05 22.83
N ALA A 380 -20.01 1.85 21.82
CA ALA A 380 -20.87 1.37 20.72
C ALA A 380 -20.05 0.60 19.68
N GLY A 381 -18.74 0.50 19.92
CA GLY A 381 -17.84 -0.21 19.03
C GLY A 381 -16.74 0.47 18.25
N ALA A 382 -16.61 1.79 18.31
CA ALA A 382 -15.53 2.44 17.59
C ALA A 382 -14.23 2.24 18.37
N HIS A 383 -13.11 2.14 17.66
CA HIS A 383 -11.80 2.11 18.31
C HIS A 383 -11.35 3.50 18.69
N VAL A 384 -11.78 4.49 17.92
N VAL A 384 -11.73 4.49 17.90
CA VAL A 384 -11.25 5.84 18.04
CA VAL A 384 -11.33 5.86 18.19
C VAL A 384 -12.34 6.86 17.67
C VAL A 384 -12.43 6.82 17.79
N VAL A 385 -12.32 8.04 18.29
CA VAL A 385 -13.20 9.12 17.83
C VAL A 385 -12.38 10.22 17.17
N LEU A 387 -12.52 14.37 16.32
CA LEU A 387 -13.17 15.59 16.77
C LEU A 387 -12.75 16.77 15.91
N GLY A 388 -13.66 17.44 15.21
CA GLY A 388 -13.34 18.77 14.72
C GLY A 388 -13.57 19.99 15.61
N SER A 389 -14.81 20.13 16.04
CA SER A 389 -15.24 21.39 16.61
C SER A 389 -14.77 21.50 18.05
N PHE A 391 -11.89 20.72 19.00
CA PHE A 391 -10.51 21.16 18.87
C PHE A 391 -10.29 22.50 18.15
N ALA A 392 -11.31 23.06 17.49
CA ALA A 392 -11.06 24.21 16.62
C ALA A 392 -10.62 25.49 17.36
N GLY A 393 -10.90 25.59 18.64
CA GLY A 393 -10.42 26.74 19.38
C GLY A 393 -9.16 26.54 20.20
N VAL A 394 -8.54 25.35 20.17
CA VAL A 394 -7.36 25.18 21.00
C VAL A 394 -6.21 25.94 20.36
N ALA A 395 -5.21 26.29 21.16
CA ALA A 395 -4.12 27.14 20.73
C ALA A 395 -3.39 26.66 19.46
N GLU A 396 -3.20 25.36 19.33
CA GLU A 396 -2.40 24.80 18.23
C GLU A 396 -3.17 24.67 16.90
N SER A 397 -4.49 24.88 16.94
CA SER A 397 -5.26 24.86 15.71
C SER A 397 -4.85 26.03 14.78
N PRO A 398 -5.13 25.92 13.48
CA PRO A 398 -4.70 27.04 12.64
C PRO A 398 -5.54 28.30 12.87
N GLY A 399 -4.97 29.45 12.56
CA GLY A 399 -5.65 30.72 12.73
C GLY A 399 -5.17 31.53 13.91
N GLU A 400 -5.26 32.85 13.75
CA GLU A 400 -4.66 33.80 14.67
C GLU A 400 -5.51 34.02 15.93
N THR A 401 -4.83 34.44 17.00
CA THR A 401 -5.50 34.95 18.20
C THR A 401 -5.82 36.44 18.06
N GLU A 402 -6.95 36.86 18.60
CA GLU A 402 -7.28 38.26 18.69
C GLU A 402 -8.11 38.47 19.95
N ILE A 403 -8.20 39.70 20.43
CA ILE A 403 -9.08 40.00 21.54
C ILE A 403 -10.15 40.82 20.91
N TYR A 404 -11.40 40.48 21.18
CA TYR A 404 -12.46 41.24 20.57
C TYR A 404 -13.55 41.73 21.52
N GLN A 405 -14.11 40.83 22.31
CA GLN A 405 -15.22 41.18 23.20
C GLN A 405 -14.75 41.24 24.64
N GLY A 406 -13.45 41.49 24.83
CA GLY A 406 -12.81 41.30 26.12
C GLY A 406 -12.49 39.84 26.22
N ARG A 407 -12.70 39.14 25.11
CA ARG A 407 -12.50 37.69 25.00
C ARG A 407 -11.43 37.36 23.98
N GLN A 408 -10.50 36.50 24.35
CA GLN A 408 -9.58 35.94 23.34
C GLN A 408 -10.35 35.03 22.38
N PHE A 409 -10.03 35.12 21.09
CA PHE A 409 -10.70 34.33 20.06
C PHE A 409 -9.71 33.81 19.01
N LYS A 410 -10.07 32.71 18.35
CA LYS A 410 -9.37 32.23 17.15
C LYS A 410 -10.05 32.87 15.94
N VAL A 411 -9.30 33.34 14.96
CA VAL A 411 -9.94 33.93 13.78
C VAL A 411 -9.50 33.33 12.43
N VAL A 446 -14.75 32.22 17.19
CA VAL A 446 -14.61 30.93 17.86
C VAL A 446 -13.82 31.04 19.18
N PRO A 447 -14.41 30.56 20.30
CA PRO A 447 -13.86 30.82 21.64
C PRO A 447 -12.54 30.08 21.87
N TYR A 448 -11.55 30.78 22.40
CA TYR A 448 -10.20 30.25 22.58
C TYR A 448 -10.23 29.26 23.74
N LYS A 449 -9.76 28.03 23.47
N LYS A 449 -9.78 28.02 23.48
CA LYS A 449 -9.82 26.95 24.45
CA LYS A 449 -9.83 26.98 24.50
C LYS A 449 -8.53 26.71 25.22
C LYS A 449 -8.53 26.73 25.25
N GLY A 450 -7.47 27.42 24.87
CA GLY A 450 -6.18 27.19 25.48
C GLY A 450 -5.45 26.04 24.82
N PRO A 451 -4.37 25.55 25.46
CA PRO A 451 -3.56 24.46 24.91
C PRO A 451 -4.32 23.16 24.70
N LEU A 452 -4.02 22.47 23.61
CA LEU A 452 -4.61 21.18 23.30
C LEU A 452 -4.58 20.25 24.51
N ALA A 453 -3.44 20.24 25.21
CA ALA A 453 -3.27 19.37 26.37
C ALA A 453 -4.37 19.49 27.44
N ASP A 454 -4.93 20.69 27.65
CA ASP A 454 -5.98 20.86 28.67
C ASP A 454 -7.29 20.18 28.25
N THR A 455 -7.65 20.34 26.98
CA THR A 455 -8.83 19.69 26.44
C THR A 455 -8.68 18.15 26.41
N VAL A 456 -7.51 17.65 26.00
CA VAL A 456 -7.25 16.22 25.99
C VAL A 456 -7.35 15.61 27.40
N HIS A 457 -6.85 16.35 28.39
CA HIS A 457 -6.83 15.86 29.75
C HIS A 457 -8.26 15.68 30.32
N GLN A 458 -9.15 16.61 30.01
CA GLN A 458 -10.54 16.46 30.39
C GLN A 458 -11.22 15.30 29.65
N LEU A 459 -11.00 15.18 28.34
CA LEU A 459 -11.58 14.08 27.57
C LEU A 459 -11.13 12.73 28.13
N VAL A 460 -9.84 12.58 28.36
CA VAL A 460 -9.35 11.30 28.84
C VAL A 460 -9.79 11.00 30.27
N GLY A 461 -9.87 12.03 31.11
CA GLY A 461 -10.42 11.88 32.45
C GLY A 461 -11.85 11.34 32.41
N GLY A 462 -12.65 11.86 31.50
CA GLY A 462 -14.04 11.43 31.34
C GLY A 462 -14.10 9.99 30.89
N LEU A 463 -13.25 9.66 29.93
CA LEU A 463 -13.13 8.30 29.44
C LEU A 463 -12.74 7.29 30.56
N ARG A 464 -11.71 7.61 31.34
CA ARG A 464 -11.32 6.70 32.43
C ARG A 464 -12.44 6.50 33.44
N ALA A 465 -13.14 7.58 33.79
CA ALA A 465 -14.28 7.49 34.70
C ALA A 465 -15.34 6.53 34.13
N GLY A 466 -15.72 6.74 32.88
CA GLY A 466 -16.70 5.90 32.21
C GLY A 466 -16.26 4.45 32.21
N GLY A 468 -14.19 3.04 34.34
CA GLY A 468 -14.27 2.54 35.70
C GLY A 468 -15.66 2.03 35.98
N TYR A 469 -16.66 2.83 35.63
CA TYR A 469 -18.06 2.46 35.84
C TYR A 469 -18.48 1.18 35.13
N CYS A 470 -17.90 0.94 33.96
CA CYS A 470 -18.28 -0.19 33.12
C CYS A 470 -17.41 -1.40 33.41
N GLY A 471 -16.48 -1.27 34.36
CA GLY A 471 -15.54 -2.33 34.68
C GLY A 471 -14.57 -2.69 33.56
N ALA A 472 -14.18 -1.72 32.74
CA ALA A 472 -13.33 -2.00 31.59
C ALA A 472 -11.89 -1.57 31.81
N GLN A 473 -10.99 -2.56 31.82
CA GLN A 473 -9.57 -2.33 32.08
C GLN A 473 -8.92 -1.79 30.81
N ASP A 474 -9.55 -2.09 29.67
CA ASP A 474 -9.04 -1.62 28.40
C ASP A 474 -10.15 -1.41 27.37
N LEU A 475 -9.83 -0.71 26.30
CA LEU A 475 -10.87 -0.30 25.36
C LEU A 475 -11.53 -1.52 24.66
N GLU A 476 -10.79 -2.61 24.51
CA GLU A 476 -11.37 -3.80 23.90
C GLU A 476 -12.55 -4.36 24.71
N PHE A 477 -12.32 -4.53 26.01
CA PHE A 477 -13.36 -4.91 26.93
C PHE A 477 -14.57 -3.94 26.87
N LEU A 478 -14.31 -2.65 26.79
CA LEU A 478 -15.38 -1.69 26.66
C LEU A 478 -16.23 -1.96 25.39
N ARG A 479 -15.60 -2.11 24.23
CA ARG A 479 -16.33 -2.37 23.01
C ARG A 479 -17.11 -3.66 23.03
N GLU A 480 -16.50 -4.71 23.52
CA GLU A 480 -17.12 -6.01 23.63
C GLU A 480 -18.24 -6.15 24.64
N ASN A 481 -18.11 -5.49 25.77
CA ASN A 481 -18.97 -5.73 26.92
C ASN A 481 -19.93 -4.65 27.42
N ALA A 482 -19.66 -3.39 27.14
CA ALA A 482 -20.49 -2.35 27.70
C ALA A 482 -21.94 -2.38 27.23
N GLN A 483 -22.84 -2.15 28.15
CA GLN A 483 -24.26 -2.16 27.84
C GLN A 483 -24.83 -0.76 28.01
N PHE A 484 -25.87 -0.46 27.23
CA PHE A 484 -26.53 0.81 27.27
C PHE A 484 -27.95 0.59 27.77
N ILE A 485 -28.55 1.68 28.25
CA ILE A 485 -29.97 1.69 28.53
C ILE A 485 -30.59 2.89 27.79
N ARG A 486 -31.74 2.68 27.15
CA ARG A 486 -32.42 3.71 26.38
C ARG A 486 -33.29 4.57 27.29
N SER A 488 -36.05 8.21 27.53
CA SER A 488 -36.84 9.21 26.80
C SER A 488 -36.18 10.61 26.87
N GLY A 489 -36.77 11.60 26.23
CA GLY A 489 -36.25 12.96 26.32
C GLY A 489 -36.37 13.51 27.73
N ALA A 490 -37.30 12.96 28.50
CA ALA A 490 -37.50 13.33 29.89
C ALA A 490 -36.36 12.76 30.74
N GLY A 491 -35.76 11.67 30.25
CA GLY A 491 -34.65 11.01 30.94
C GLY A 491 -33.34 11.74 30.70
N LEU A 492 -33.33 12.57 29.65
CA LEU A 492 -32.20 13.45 29.32
C LEU A 492 -32.14 14.63 30.31
N LEU A 493 -33.31 15.19 30.63
CA LEU A 493 -33.42 16.30 31.57
C LEU A 493 -33.46 15.84 33.02
N ASN B 17 47.93 20.69 -28.71
CA ASN B 17 46.61 21.20 -28.29
C ASN B 17 45.42 20.39 -28.83
N LEU B 18 45.26 19.14 -28.34
CA LEU B 18 44.03 18.38 -28.57
C LEU B 18 43.03 18.61 -27.42
N TYR B 19 41.84 19.05 -27.80
CA TYR B 19 40.78 19.41 -26.87
C TYR B 19 39.81 18.27 -26.59
N PHE B 20 40.09 17.09 -27.12
CA PHE B 20 39.19 15.96 -26.99
C PHE B 20 39.87 14.84 -26.24
N GLN B 21 39.08 13.94 -25.68
CA GLN B 21 39.66 12.79 -25.04
C GLN B 21 40.15 11.79 -26.09
N SER B 22 41.26 11.11 -25.80
CA SER B 22 41.71 10.01 -26.65
C SER B 22 41.52 8.64 -26.01
N ASN B 23 41.20 7.64 -26.84
CA ASN B 23 41.20 6.22 -26.46
C ASN B 23 40.25 5.83 -25.36
N ALA B 24 39.18 6.60 -25.18
CA ALA B 24 38.26 6.33 -24.07
C ALA B 24 37.70 4.93 -24.13
N TRP B 26 38.81 2.29 -25.89
CA TRP B 26 39.88 1.30 -25.78
C TRP B 26 40.23 1.04 -24.30
N GLU B 27 40.28 2.10 -23.50
CA GLU B 27 40.71 1.98 -22.11
C GLU B 27 39.61 1.51 -21.15
N SER B 28 38.35 1.66 -21.51
CA SER B 28 37.30 1.18 -20.62
C SER B 28 36.90 -0.28 -20.87
N LYS B 29 37.56 -0.96 -21.82
CA LYS B 29 37.11 -2.33 -22.22
C LYS B 29 36.86 -3.26 -21.06
N PHE B 30 37.82 -3.28 -20.14
CA PHE B 30 37.84 -4.18 -19.00
C PHE B 30 37.37 -3.64 -17.66
N VAL B 31 36.88 -2.42 -17.65
CA VAL B 31 36.53 -1.78 -16.38
C VAL B 31 35.37 -2.42 -15.60
N LYS B 32 34.29 -2.79 -16.28
CA LYS B 32 33.08 -3.23 -15.58
C LYS B 32 33.20 -4.59 -14.89
N GLU B 33 32.52 -4.74 -13.77
CA GLU B 33 32.42 -6.02 -13.05
C GLU B 33 30.98 -6.36 -12.85
N GLY B 34 30.64 -7.64 -12.77
CA GLY B 34 29.26 -8.00 -12.52
C GLY B 34 29.15 -9.25 -11.67
N LEU B 35 28.01 -9.41 -11.01
CA LEU B 35 27.76 -10.44 -10.01
C LEU B 35 26.57 -11.24 -10.45
N THR B 36 26.58 -12.53 -10.19
N THR B 36 26.62 -12.53 -10.15
CA THR B 36 25.37 -13.31 -10.38
CA THR B 36 25.52 -13.46 -10.36
C THR B 36 24.92 -13.81 -9.03
C THR B 36 24.85 -13.72 -9.02
N PHE B 37 23.81 -14.55 -9.00
CA PHE B 37 23.18 -14.97 -7.73
C PHE B 37 24.15 -15.60 -6.72
N ASP B 38 25.02 -16.49 -7.18
CA ASP B 38 25.90 -17.19 -6.28
C ASP B 38 27.02 -16.35 -5.65
N ASP B 39 27.21 -15.12 -6.13
CA ASP B 39 28.24 -14.22 -5.60
C ASP B 39 27.78 -13.51 -4.32
N VAL B 40 26.49 -13.60 -3.98
CA VAL B 40 25.95 -12.76 -2.90
C VAL B 40 24.95 -13.45 -2.00
N LEU B 41 24.65 -12.82 -0.87
CA LEU B 41 23.62 -13.28 0.06
C LEU B 41 22.96 -12.03 0.56
N LEU B 42 21.69 -12.10 0.94
CA LEU B 42 21.01 -10.97 1.51
C LEU B 42 21.33 -10.87 2.99
N VAL B 43 21.55 -9.64 3.46
CA VAL B 43 21.90 -9.37 4.85
C VAL B 43 20.66 -9.22 5.72
N PRO B 44 20.56 -10.00 6.80
CA PRO B 44 19.43 -9.92 7.72
C PRO B 44 19.29 -8.51 8.32
N ALA B 45 18.05 -8.05 8.49
CA ALA B 45 17.79 -6.73 9.07
C ALA B 45 16.67 -6.86 10.10
N LYS B 46 16.48 -5.82 10.89
CA LYS B 46 15.46 -5.81 11.92
C LYS B 46 14.09 -6.09 11.31
N SER B 47 13.39 -7.05 11.89
CA SER B 47 12.12 -7.48 11.34
C SER B 47 10.99 -7.42 12.38
N ASP B 48 9.94 -6.68 12.04
CA ASP B 48 8.73 -6.57 12.86
C ASP B 48 7.60 -7.48 12.43
N VAL B 49 7.85 -8.32 11.44
CA VAL B 49 6.78 -8.84 10.63
C VAL B 49 6.95 -10.34 10.29
N LEU B 50 5.89 -11.13 10.53
CA LEU B 50 5.88 -12.57 10.25
C LEU B 50 5.86 -12.86 8.75
N PRO B 51 6.69 -13.82 8.29
CA PRO B 51 6.70 -14.20 6.87
C PRO B 51 5.29 -14.42 6.29
N ARG B 52 4.37 -14.93 7.11
CA ARG B 52 3.03 -15.16 6.62
C ARG B 52 2.17 -13.87 6.51
N GLU B 53 2.57 -12.83 7.25
N GLU B 53 2.51 -12.82 7.25
CA GLU B 53 1.83 -11.56 7.25
CA GLU B 53 1.72 -11.60 7.10
C GLU B 53 2.37 -10.51 6.26
C GLU B 53 2.32 -10.53 6.18
N VAL B 54 3.45 -10.84 5.54
CA VAL B 54 3.98 -9.96 4.51
C VAL B 54 3.18 -10.07 3.21
N SER B 55 3.27 -9.05 2.37
CA SER B 55 2.57 -9.04 1.10
C SER B 55 3.51 -9.35 -0.08
N VAL B 56 3.15 -10.35 -0.87
CA VAL B 56 3.85 -10.69 -2.12
C VAL B 56 3.18 -10.16 -3.41
N LYS B 57 2.12 -9.37 -3.25
CA LYS B 57 1.42 -8.77 -4.39
C LYS B 57 2.31 -7.76 -5.13
N THR B 58 2.14 -7.65 -6.45
CA THR B 58 2.95 -6.73 -7.21
C THR B 58 2.18 -6.21 -8.42
N VAL B 59 2.30 -4.92 -8.68
CA VAL B 59 1.62 -4.28 -9.79
C VAL B 59 2.60 -4.07 -10.95
N LEU B 60 2.31 -4.69 -12.09
CA LEU B 60 3.04 -4.42 -13.32
C LEU B 60 2.52 -3.18 -14.06
N SER B 61 1.22 -2.96 -14.00
CA SER B 61 0.60 -1.74 -14.51
C SER B 61 -0.80 -1.67 -13.93
N GLU B 62 -1.52 -0.60 -14.23
CA GLU B 62 -2.89 -0.50 -13.73
C GLU B 62 -3.76 -1.70 -14.16
N SER B 63 -3.57 -2.18 -15.40
CA SER B 63 -4.37 -3.31 -15.87
C SER B 63 -3.73 -4.68 -15.71
N LEU B 64 -2.53 -4.73 -15.14
CA LEU B 64 -1.94 -6.01 -14.88
C LEU B 64 -1.42 -6.07 -13.46
N GLN B 65 -2.11 -6.80 -12.60
CA GLN B 65 -1.81 -6.76 -11.17
C GLN B 65 -1.70 -8.18 -10.70
N LEU B 66 -0.56 -8.56 -10.17
CA LEU B 66 -0.34 -9.94 -9.80
C LEU B 66 -0.36 -10.08 -8.28
N ASN B 67 -0.81 -11.24 -7.81
CA ASN B 67 -0.78 -11.56 -6.38
C ASN B 67 0.45 -12.33 -5.87
N ILE B 68 1.27 -12.84 -6.80
CA ILE B 68 2.57 -13.40 -6.47
C ILE B 68 3.50 -12.96 -7.61
N PRO B 69 4.78 -12.74 -7.31
CA PRO B 69 5.57 -12.10 -8.37
C PRO B 69 6.21 -13.11 -9.34
N LEU B 70 5.37 -13.87 -10.05
CA LEU B 70 5.86 -14.94 -10.92
C LEU B 70 5.19 -14.95 -12.28
N ILE B 71 5.98 -15.21 -13.31
CA ILE B 71 5.45 -15.35 -14.65
C ILE B 71 6.10 -16.61 -15.20
N SER B 72 5.30 -17.37 -15.94
CA SER B 72 5.76 -18.59 -16.56
C SER B 72 6.10 -18.26 -18.00
N ALA B 73 7.28 -18.66 -18.43
CA ALA B 73 7.81 -18.20 -19.71
C ALA B 73 7.02 -18.63 -20.91
N GLY B 74 7.22 -17.87 -21.97
CA GLY B 74 6.47 -17.96 -23.20
C GLY B 74 7.06 -19.05 -24.07
N ASP B 76 7.38 -23.04 -25.56
CA ASP B 76 6.50 -24.14 -25.95
C ASP B 76 6.61 -25.42 -25.10
N THR B 77 7.62 -25.49 -24.24
CA THR B 77 7.70 -26.58 -23.27
C THR B 77 7.15 -26.18 -21.90
N VAL B 78 6.63 -24.95 -21.80
CA VAL B 78 6.25 -24.36 -20.51
C VAL B 78 4.78 -23.91 -20.45
N THR B 79 4.38 -23.00 -21.33
CA THR B 79 3.09 -22.37 -21.16
C THR B 79 2.15 -22.45 -22.36
N GLU B 80 1.06 -23.20 -22.16
CA GLU B 80 -0.14 -23.15 -22.97
C GLU B 80 -1.32 -22.90 -22.01
N ALA B 81 -2.55 -22.99 -22.51
CA ALA B 81 -3.72 -22.59 -21.73
C ALA B 81 -3.80 -23.19 -20.33
N ASP B 82 -3.57 -24.49 -20.19
CA ASP B 82 -3.65 -25.13 -18.88
C ASP B 82 -2.63 -24.55 -17.90
N ALA B 84 -1.27 -21.48 -18.17
CA ALA B 84 -1.65 -20.09 -17.95
C ALA B 84 -2.80 -19.97 -16.93
N ILE B 85 -3.77 -20.88 -17.01
CA ILE B 85 -4.92 -20.89 -16.10
C ILE B 85 -4.43 -21.21 -14.70
N ALA B 86 -3.59 -22.23 -14.59
CA ALA B 86 -3.00 -22.65 -13.34
C ALA B 86 -2.21 -21.53 -12.66
N ALA B 88 -2.45 -18.14 -13.24
CA ALA B 88 -3.32 -17.04 -12.80
C ALA B 88 -4.12 -17.40 -11.55
N ARG B 89 -4.53 -18.67 -11.41
CA ARG B 89 -5.24 -19.15 -10.21
C ARG B 89 -4.40 -18.99 -8.96
N GLN B 90 -3.09 -19.17 -9.12
CA GLN B 90 -2.15 -19.03 -8.02
C GLN B 90 -1.78 -17.58 -7.76
N GLY B 91 -2.16 -16.68 -8.67
CA GLY B 91 -1.83 -15.27 -8.54
C GLY B 91 -0.78 -14.72 -9.48
N GLY B 92 -0.24 -15.55 -10.37
CA GLY B 92 0.77 -15.09 -11.29
C GLY B 92 0.22 -14.91 -12.70
N LEU B 93 1.12 -14.91 -13.67
CA LEU B 93 0.77 -14.69 -15.06
C LEU B 93 1.41 -15.75 -15.95
N GLY B 94 0.62 -16.39 -16.82
CA GLY B 94 1.22 -17.24 -17.85
C GLY B 94 1.40 -16.47 -19.14
N ILE B 95 2.42 -16.79 -19.92
CA ILE B 95 2.56 -16.19 -21.24
C ILE B 95 2.41 -17.31 -22.28
N ILE B 96 1.31 -17.32 -23.02
CA ILE B 96 1.11 -18.33 -24.07
C ILE B 96 2.20 -18.22 -25.12
N HIS B 97 2.89 -19.32 -25.41
CA HIS B 97 3.99 -19.29 -26.39
C HIS B 97 3.50 -19.04 -27.83
N LYS B 98 4.43 -18.57 -28.67
CA LYS B 98 4.13 -18.21 -30.05
C LYS B 98 4.39 -19.25 -31.14
N ASN B 99 4.76 -20.48 -30.77
N ASN B 99 4.78 -20.47 -30.79
CA ASN B 99 5.01 -21.45 -31.81
CA ASN B 99 5.01 -21.42 -31.87
C ASN B 99 3.75 -22.29 -31.98
C ASN B 99 3.76 -22.27 -31.99
N SER B 101 -0.13 -21.48 -34.62
CA SER B 101 -0.73 -20.53 -35.53
C SER B 101 -1.38 -19.38 -34.76
N ILE B 102 -1.55 -18.25 -35.41
CA ILE B 102 -2.27 -17.13 -34.82
C ILE B 102 -3.62 -17.57 -34.25
N GLU B 103 -4.36 -18.38 -35.02
CA GLU B 103 -5.67 -18.89 -34.61
C GLU B 103 -5.61 -19.73 -33.32
N GLN B 104 -4.62 -20.62 -33.24
CA GLN B 104 -4.42 -21.44 -32.05
C GLN B 104 -4.09 -20.58 -30.82
N GLN B 105 -3.23 -19.59 -31.00
CA GLN B 105 -2.84 -18.75 -29.88
C GLN B 105 -4.00 -17.89 -29.38
N ALA B 106 -4.79 -17.34 -30.29
CA ALA B 106 -5.96 -16.57 -29.90
C ALA B 106 -6.97 -17.47 -29.17
N GLU B 107 -7.06 -18.71 -29.62
CA GLU B 107 -7.91 -19.71 -29.00
C GLU B 107 -7.46 -19.96 -27.57
N GLN B 108 -6.16 -20.18 -27.40
CA GLN B 108 -5.60 -20.38 -26.07
C GLN B 108 -5.96 -19.21 -25.15
N VAL B 109 -5.74 -17.99 -25.63
CA VAL B 109 -6.03 -16.79 -24.83
C VAL B 109 -7.49 -16.76 -24.39
N ASP B 110 -8.38 -17.01 -25.36
CA ASP B 110 -9.81 -17.06 -25.11
C ASP B 110 -10.18 -18.10 -24.05
N LYS B 111 -9.59 -19.29 -24.16
CA LYS B 111 -9.80 -20.37 -23.21
C LYS B 111 -9.44 -19.94 -21.79
N VAL B 112 -8.35 -19.18 -21.64
CA VAL B 112 -7.97 -18.66 -20.33
C VAL B 112 -8.96 -17.59 -19.86
N LYS B 113 -9.29 -16.66 -20.76
CA LYS B 113 -10.21 -15.59 -20.41
C LYS B 113 -11.60 -16.12 -20.04
N ARG B 114 -11.99 -17.28 -20.58
CA ARG B 114 -13.29 -17.83 -20.22
C ARG B 114 -13.27 -18.89 -19.10
N SER B 115 -12.10 -19.23 -18.59
CA SER B 115 -12.03 -20.24 -17.53
C SER B 115 -12.89 -19.88 -16.31
N GLU B 116 -12.79 -18.63 -15.85
CA GLU B 116 -13.73 -18.10 -14.88
C GLU B 116 -14.53 -17.01 -15.59
N SER B 117 -15.84 -17.05 -15.42
CA SER B 117 -16.73 -16.23 -16.21
C SER B 117 -16.47 -14.74 -16.02
N GLY B 118 -16.24 -14.33 -14.79
CA GLY B 118 -16.18 -12.92 -14.45
C GLY B 118 -17.58 -12.33 -14.33
N VAL B 119 -17.65 -11.00 -14.22
CA VAL B 119 -18.93 -10.34 -13.99
C VAL B 119 -19.76 -10.18 -15.26
N ILE B 120 -19.10 -10.00 -16.40
CA ILE B 120 -19.82 -9.73 -17.64
C ILE B 120 -20.17 -11.00 -18.39
N SER B 121 -21.46 -11.22 -18.53
CA SER B 121 -21.97 -12.45 -19.08
C SER B 121 -22.65 -12.12 -20.37
N ASP B 122 -22.70 -13.10 -21.26
CA ASP B 122 -23.53 -13.01 -22.45
C ASP B 122 -24.38 -14.25 -22.39
N PRO B 123 -25.17 -14.39 -21.29
CA PRO B 123 -25.74 -15.67 -20.90
C PRO B 123 -26.86 -16.13 -21.83
N PHE B 124 -26.84 -17.42 -22.20
CA PHE B 124 -27.79 -17.93 -23.18
C PHE B 124 -29.19 -18.01 -22.58
N PHE B 125 -30.13 -17.45 -23.33
CA PHE B 125 -31.49 -17.18 -22.86
C PHE B 125 -32.47 -17.88 -23.76
N LEU B 126 -33.70 -18.05 -23.29
CA LEU B 126 -34.68 -18.79 -24.05
C LEU B 126 -36.03 -18.08 -24.19
N THR B 127 -36.80 -18.54 -25.16
CA THR B 127 -38.08 -17.98 -25.51
C THR B 127 -39.21 -18.58 -24.69
N PRO B 128 -40.09 -17.73 -24.15
CA PRO B 128 -41.34 -18.20 -23.52
C PRO B 128 -42.13 -19.11 -24.46
N GLU B 129 -42.03 -18.85 -25.77
CA GLU B 129 -42.66 -19.69 -26.78
C GLU B 129 -41.66 -20.66 -27.42
N GLY B 146 -30.06 -25.12 -15.71
CA GLY B 146 -31.13 -24.15 -15.64
C GLY B 146 -30.93 -22.99 -16.58
N VAL B 147 -32.02 -22.43 -17.10
CA VAL B 147 -31.91 -21.35 -18.07
C VAL B 147 -32.91 -20.20 -17.86
N PRO B 148 -32.45 -18.95 -18.09
CA PRO B 148 -33.24 -17.72 -17.99
C PRO B 148 -34.26 -17.56 -19.12
N VAL B 149 -35.46 -17.06 -18.81
CA VAL B 149 -36.50 -16.86 -19.82
C VAL B 149 -37.09 -15.45 -19.76
N ILE B 161 -37.02 -17.85 -15.78
CA ILE B 161 -36.06 -18.92 -15.49
C ILE B 161 -36.77 -20.28 -15.52
N ILE B 162 -36.09 -21.29 -16.08
CA ILE B 162 -36.51 -22.69 -15.91
C ILE B 162 -35.41 -23.49 -15.22
N THR B 163 -35.85 -24.45 -14.42
CA THR B 163 -34.92 -25.25 -13.63
C THR B 163 -35.04 -26.71 -14.00
N ASN B 164 -34.00 -27.45 -13.66
CA ASN B 164 -34.00 -28.90 -13.80
C ASN B 164 -35.18 -29.53 -13.07
N ARG B 165 -35.64 -28.90 -12.00
CA ARG B 165 -36.80 -29.36 -11.25
C ARG B 165 -38.07 -29.31 -12.09
N ASP B 166 -38.10 -28.42 -13.06
CA ASP B 166 -39.29 -28.21 -13.88
C ASP B 166 -39.46 -29.30 -14.95
N ARG B 168 -38.87 -32.44 -14.52
CA ARG B 168 -39.00 -33.72 -13.85
C ARG B 168 -40.11 -34.60 -14.45
N PHE B 169 -41.33 -34.09 -14.50
CA PHE B 169 -42.44 -34.89 -14.96
C PHE B 169 -42.80 -34.70 -16.46
N ILE B 170 -41.97 -33.92 -17.16
CA ILE B 170 -42.14 -33.81 -18.62
C ILE B 170 -40.89 -34.21 -19.44
N ILE B 177 -43.06 -24.42 -23.66
CA ILE B 177 -42.11 -23.96 -22.65
C ILE B 177 -42.76 -23.04 -21.62
N SER B 178 -43.57 -22.11 -22.09
CA SER B 178 -44.32 -21.26 -21.16
C SER B 178 -45.23 -22.06 -20.24
N ASP B 179 -45.65 -23.24 -20.66
CA ASP B 179 -46.55 -24.06 -19.85
C ASP B 179 -45.83 -24.81 -18.72
N VAL B 180 -44.57 -25.19 -18.95
CA VAL B 180 -43.76 -25.89 -17.95
C VAL B 180 -42.83 -24.99 -17.13
N THR B 182 -41.29 -21.94 -14.65
CA THR B 182 -41.63 -21.37 -13.35
C THR B 182 -41.77 -19.86 -13.53
N LYS B 183 -43.02 -19.41 -13.45
CA LYS B 183 -43.35 -18.04 -13.78
C LYS B 183 -43.55 -17.13 -12.58
N GLU B 184 -43.36 -17.66 -11.37
CA GLU B 184 -43.69 -16.88 -10.20
C GLU B 184 -42.54 -16.83 -9.20
N GLN B 185 -42.42 -15.71 -8.51
CA GLN B 185 -41.45 -15.53 -7.42
C GLN B 185 -40.00 -15.75 -7.82
N LEU B 186 -39.58 -15.07 -8.88
CA LEU B 186 -38.22 -15.24 -9.38
C LEU B 186 -37.23 -14.29 -8.70
N ILE B 187 -36.27 -14.86 -7.97
CA ILE B 187 -35.26 -14.08 -7.27
C ILE B 187 -34.21 -13.52 -8.22
N THR B 188 -33.86 -12.26 -8.02
CA THR B 188 -32.92 -11.55 -8.89
C THR B 188 -32.07 -10.60 -8.08
N ALA B 189 -31.16 -9.93 -8.75
CA ALA B 189 -30.40 -8.85 -8.14
C ALA B 189 -30.05 -7.81 -9.21
N PRO B 190 -29.95 -6.53 -8.82
CA PRO B 190 -29.45 -5.46 -9.71
C PRO B 190 -27.97 -5.65 -10.09
N VAL B 191 -27.52 -4.92 -11.10
CA VAL B 191 -26.22 -5.13 -11.75
C VAL B 191 -25.05 -4.58 -10.91
N GLY B 192 -23.83 -4.55 -11.49
CA GLY B 192 -22.65 -4.04 -10.79
C GLY B 192 -22.26 -4.82 -9.56
N THR B 193 -22.88 -5.99 -9.41
CA THR B 193 -22.83 -6.78 -8.18
C THR B 193 -21.60 -7.68 -8.04
N THR B 194 -20.86 -7.46 -6.96
CA THR B 194 -19.67 -8.20 -6.62
C THR B 194 -20.02 -9.64 -6.23
N LEU B 195 -19.09 -10.55 -6.45
CA LEU B 195 -19.29 -11.94 -6.10
C LEU B 195 -19.47 -12.08 -4.59
N SER B 196 -18.57 -11.49 -3.80
CA SER B 196 -18.60 -11.61 -2.34
C SER B 196 -19.96 -11.23 -1.75
N GLU B 197 -20.61 -10.25 -2.37
CA GLU B 197 -21.96 -9.87 -1.98
C GLU B 197 -23.08 -10.62 -2.72
N ALA B 198 -22.74 -11.31 -3.79
CA ALA B 198 -23.75 -12.14 -4.47
C ALA B 198 -23.89 -13.40 -3.64
N GLU B 199 -22.76 -13.76 -3.04
CA GLU B 199 -22.66 -14.88 -2.12
C GLU B 199 -23.70 -14.79 -1.01
N LYS B 200 -23.95 -13.58 -0.52
CA LYS B 200 -24.92 -13.38 0.55
C LYS B 200 -26.35 -13.58 0.05
N ILE B 201 -26.63 -13.14 -1.17
CA ILE B 201 -27.94 -13.35 -1.77
C ILE B 201 -28.23 -14.84 -2.03
N LEU B 202 -27.27 -15.55 -2.63
CA LEU B 202 -27.47 -16.96 -2.95
C LEU B 202 -27.65 -17.82 -1.69
N GLN B 203 -27.03 -17.38 -0.59
CA GLN B 203 -27.11 -18.10 0.69
C GLN B 203 -28.50 -17.97 1.30
N LYS B 204 -28.97 -16.74 1.44
CA LYS B 204 -30.27 -16.48 2.04
C LYS B 204 -31.38 -17.33 1.39
N TYR B 205 -31.45 -17.28 0.05
CA TYR B 205 -32.55 -17.89 -0.67
C TYR B 205 -32.27 -19.28 -1.23
N LYS B 206 -31.07 -19.81 -0.97
CA LYS B 206 -30.74 -21.19 -1.33
C LYS B 206 -30.84 -21.53 -2.83
N ILE B 207 -30.37 -20.60 -3.69
CA ILE B 207 -30.47 -20.77 -5.16
C ILE B 207 -29.07 -20.85 -5.80
N GLU B 208 -28.95 -21.61 -6.90
CA GLU B 208 -27.66 -21.74 -7.61
C GLU B 208 -27.35 -20.56 -8.54
N LYS B 209 -28.38 -19.99 -9.16
CA LYS B 209 -28.20 -18.95 -10.16
C LYS B 209 -28.76 -17.60 -9.73
N LEU B 210 -27.98 -16.55 -9.96
CA LEU B 210 -28.41 -15.20 -9.61
C LEU B 210 -28.41 -14.28 -10.83
N PRO B 211 -29.54 -14.24 -11.55
CA PRO B 211 -29.70 -13.38 -12.74
C PRO B 211 -29.68 -11.89 -12.40
N LEU B 212 -28.88 -11.12 -13.13
CA LEU B 212 -28.81 -9.66 -12.93
C LEU B 212 -29.53 -8.82 -14.01
N LEU B 222 -24.38 -12.65 -14.71
CA LEU B 222 -25.01 -13.72 -13.95
C LEU B 222 -24.01 -14.44 -13.05
N ILE B 223 -24.30 -14.46 -11.74
CA ILE B 223 -23.43 -15.16 -10.80
C ILE B 223 -24.07 -16.49 -10.44
N THR B 224 -23.22 -17.51 -10.35
CA THR B 224 -23.65 -18.86 -10.01
C THR B 224 -22.91 -19.28 -8.75
N ILE B 225 -23.43 -20.29 -8.07
CA ILE B 225 -22.84 -20.78 -6.83
C ILE B 225 -21.45 -21.33 -7.12
N LYS B 226 -21.24 -21.87 -8.32
CA LYS B 226 -19.94 -22.43 -8.66
C LYS B 226 -18.90 -21.34 -8.96
N ASP B 227 -19.37 -20.15 -9.34
CA ASP B 227 -18.48 -18.99 -9.48
C ASP B 227 -17.92 -18.62 -8.12
N ILE B 228 -18.80 -18.65 -7.12
CA ILE B 228 -18.41 -18.37 -5.75
C ILE B 228 -17.46 -19.45 -5.24
N GLU B 229 -17.63 -20.67 -5.71
CA GLU B 229 -16.76 -21.76 -5.28
C GLU B 229 -15.33 -21.66 -5.80
N LYS B 230 -15.15 -21.12 -7.00
CA LYS B 230 -13.79 -20.96 -7.52
C LYS B 230 -13.03 -19.89 -6.75
N VAL B 231 -13.73 -18.81 -6.37
CA VAL B 231 -13.11 -17.78 -5.55
C VAL B 231 -12.61 -18.38 -4.26
N ILE B 232 -13.37 -19.29 -3.67
CA ILE B 232 -12.94 -19.96 -2.44
C ILE B 232 -11.80 -20.93 -2.73
N GLU B 233 -11.93 -21.67 -3.82
CA GLU B 233 -10.90 -22.63 -4.21
C GLU B 233 -9.55 -21.94 -4.49
N PHE B 234 -9.58 -20.79 -5.18
CA PHE B 234 -8.37 -20.05 -5.52
C PHE B 234 -8.43 -18.60 -5.07
N PRO B 235 -8.22 -18.36 -3.77
CA PRO B 235 -8.38 -17.03 -3.19
C PRO B 235 -7.34 -16.06 -3.72
N ASN B 236 -6.23 -16.59 -4.22
CA ASN B 236 -5.13 -15.77 -4.73
C ASN B 236 -5.19 -15.40 -6.21
N SER B 237 -6.25 -15.77 -6.90
CA SER B 237 -6.22 -15.64 -8.35
C SER B 237 -6.06 -14.21 -8.84
N ALA B 238 -5.40 -14.09 -9.98
CA ALA B 238 -5.10 -12.81 -10.59
C ALA B 238 -6.03 -12.61 -11.77
N LYS B 239 -6.85 -11.56 -11.67
CA LYS B 239 -7.88 -11.30 -12.64
C LYS B 239 -7.81 -9.87 -13.16
N ASP B 240 -8.50 -9.61 -14.27
CA ASP B 240 -8.65 -8.26 -14.82
C ASP B 240 -9.82 -7.58 -14.10
N LYS B 241 -10.23 -6.40 -14.59
CA LYS B 241 -11.37 -5.67 -14.03
C LYS B 241 -12.68 -6.46 -14.09
N GLN B 242 -12.87 -7.24 -15.16
CA GLN B 242 -14.08 -8.02 -15.37
C GLN B 242 -14.15 -9.20 -14.42
N GLY B 243 -13.03 -9.54 -13.78
CA GLY B 243 -12.99 -10.72 -12.93
C GLY B 243 -12.66 -11.99 -13.70
N ARG B 244 -12.03 -11.83 -14.87
CA ARG B 244 -11.48 -12.97 -15.64
C ARG B 244 -9.98 -13.14 -15.37
N LEU B 245 -9.54 -14.41 -15.35
CA LEU B 245 -8.12 -14.70 -15.18
C LEU B 245 -7.30 -13.91 -16.19
N LEU B 246 -6.21 -13.31 -15.70
CA LEU B 246 -5.21 -12.63 -16.54
C LEU B 246 -4.45 -13.61 -17.43
N VAL B 247 -4.07 -13.17 -18.62
CA VAL B 247 -3.19 -13.97 -19.49
C VAL B 247 -2.32 -13.08 -20.39
N GLY B 248 -1.06 -13.46 -20.62
CA GLY B 248 -0.25 -12.81 -21.64
C GLY B 248 0.03 -13.67 -22.85
N ALA B 249 0.64 -13.09 -23.87
CA ALA B 249 1.01 -13.88 -25.04
C ALA B 249 2.27 -13.37 -25.71
N ALA B 250 3.12 -14.30 -26.15
CA ALA B 250 4.37 -13.99 -26.87
C ALA B 250 4.13 -13.59 -28.32
N VAL B 251 4.82 -12.54 -28.75
CA VAL B 251 4.81 -12.13 -30.15
C VAL B 251 6.24 -11.91 -30.63
N GLY B 252 6.62 -12.50 -31.77
CA GLY B 252 7.96 -12.27 -32.28
C GLY B 252 8.02 -10.89 -32.88
N VAL B 253 9.21 -10.33 -33.11
CA VAL B 253 9.25 -9.03 -33.75
C VAL B 253 9.58 -9.27 -35.20
N THR B 254 8.58 -9.13 -36.07
CA THR B 254 8.70 -9.48 -37.49
C THR B 254 7.63 -8.72 -38.29
N ALA B 255 7.51 -9.07 -39.58
CA ALA B 255 6.52 -8.49 -40.50
C ALA B 255 5.09 -8.54 -39.97
N ASP B 256 4.58 -9.75 -39.77
CA ASP B 256 3.16 -9.96 -39.46
C ASP B 256 2.87 -9.85 -37.96
N ALA B 257 3.86 -9.39 -37.20
CA ALA B 257 3.67 -9.19 -35.76
C ALA B 257 2.35 -8.48 -35.49
N THR B 259 -0.31 -8.39 -37.16
CA THR B 259 -1.43 -9.29 -37.44
C THR B 259 -1.72 -10.23 -36.27
N ARG B 260 -0.68 -10.78 -35.66
CA ARG B 260 -0.86 -11.65 -34.50
C ARG B 260 -1.44 -10.85 -33.34
N ILE B 261 -0.90 -9.66 -33.15
CA ILE B 261 -1.30 -8.80 -32.05
C ILE B 261 -2.79 -8.47 -32.14
N ASP B 262 -3.22 -8.04 -33.33
CA ASP B 262 -4.63 -7.76 -33.60
C ASP B 262 -5.53 -8.88 -33.11
N ALA B 263 -5.14 -10.12 -33.43
CA ALA B 263 -5.92 -11.30 -33.02
C ALA B 263 -5.96 -11.49 -31.51
N LEU B 264 -4.78 -11.40 -30.88
CA LEU B 264 -4.69 -11.53 -29.42
C LEU B 264 -5.51 -10.46 -28.72
N VAL B 265 -5.46 -9.23 -29.22
CA VAL B 265 -6.23 -8.11 -28.65
C VAL B 265 -7.74 -8.36 -28.66
N LYS B 266 -8.30 -8.80 -29.80
CA LYS B 266 -9.74 -9.04 -29.82
C LYS B 266 -10.10 -10.26 -28.97
N ALA B 267 -9.12 -11.10 -28.66
CA ALA B 267 -9.31 -12.21 -27.71
C ALA B 267 -9.14 -11.76 -26.25
N SER B 268 -8.92 -10.46 -26.06
CA SER B 268 -8.80 -9.84 -24.72
C SER B 268 -7.56 -10.31 -23.93
N VAL B 269 -6.43 -10.38 -24.62
CA VAL B 269 -5.16 -10.68 -24.00
C VAL B 269 -4.80 -9.49 -23.12
N ASP B 270 -4.28 -9.79 -21.93
CA ASP B 270 -3.91 -8.75 -20.99
C ASP B 270 -2.53 -8.10 -21.24
N ALA B 271 -1.63 -8.85 -21.86
CA ALA B 271 -0.32 -8.32 -22.19
C ALA B 271 0.29 -9.10 -23.33
N ILE B 272 1.12 -8.44 -24.12
CA ILE B 272 1.89 -9.16 -25.11
C ILE B 272 3.35 -8.99 -24.71
N VAL B 273 4.12 -10.04 -24.97
CA VAL B 273 5.54 -10.02 -24.76
C VAL B 273 6.22 -9.90 -26.12
N LEU B 274 6.84 -8.75 -26.39
CA LEU B 274 7.58 -8.63 -27.63
C LEU B 274 9.00 -9.05 -27.35
N ASP B 275 9.36 -10.21 -27.87
CA ASP B 275 10.54 -10.93 -27.43
C ASP B 275 11.54 -11.09 -28.55
N THR B 276 12.80 -10.87 -28.25
CA THR B 276 13.87 -11.34 -29.11
C THR B 276 15.15 -11.43 -28.29
N ALA B 277 16.12 -12.21 -28.79
CA ALA B 277 17.40 -12.41 -28.13
C ALA B 277 18.08 -11.08 -27.77
N HIS B 278 18.15 -10.16 -28.74
CA HIS B 278 18.73 -8.86 -28.49
C HIS B 278 17.65 -7.77 -28.65
N GLY B 279 17.20 -7.23 -27.52
CA GLY B 279 16.11 -6.27 -27.51
C GLY B 279 16.59 -4.84 -27.75
N HIS B 280 17.89 -4.66 -27.72
CA HIS B 280 18.52 -3.37 -27.91
C HIS B 280 18.77 -3.06 -29.39
N SER B 281 18.11 -3.79 -30.28
CA SER B 281 18.10 -3.40 -31.70
C SER B 281 16.98 -2.41 -32.15
N GLN B 282 17.30 -1.50 -33.07
CA GLN B 282 16.35 -0.49 -33.60
C GLN B 282 15.06 -1.08 -34.21
N GLY B 283 15.17 -2.27 -34.80
CA GLY B 283 14.01 -3.02 -35.21
C GLY B 283 13.01 -3.22 -34.07
N VAL B 284 13.51 -3.65 -32.91
CA VAL B 284 12.64 -3.87 -31.75
C VAL B 284 12.02 -2.57 -31.28
N ILE B 285 12.84 -1.53 -31.20
CA ILE B 285 12.33 -0.22 -30.82
C ILE B 285 11.20 0.21 -31.75
N ASP B 286 11.46 0.15 -33.05
CA ASP B 286 10.47 0.47 -34.08
C ASP B 286 9.14 -0.28 -33.89
N LYS B 287 9.22 -1.58 -33.68
CA LYS B 287 8.02 -2.39 -33.51
C LYS B 287 7.22 -1.96 -32.28
N VAL B 288 7.91 -1.59 -31.21
CA VAL B 288 7.22 -1.14 -30.01
C VAL B 288 6.59 0.23 -30.22
N LYS B 289 7.26 1.09 -30.97
CA LYS B 289 6.69 2.39 -31.32
C LYS B 289 5.32 2.21 -31.98
N GLU B 290 5.24 1.29 -32.93
CA GLU B 290 4.04 1.05 -33.73
C GLU B 290 2.90 0.41 -32.93
N VAL B 291 3.23 -0.64 -32.19
CA VAL B 291 2.21 -1.33 -31.41
C VAL B 291 1.59 -0.36 -30.42
N ARG B 292 2.41 0.54 -29.90
CA ARG B 292 1.95 1.53 -28.93
C ARG B 292 1.06 2.61 -29.61
N ALA B 293 1.46 3.04 -30.80
CA ALA B 293 0.62 3.99 -31.57
C ALA B 293 -0.77 3.41 -31.85
N LYS B 294 -0.83 2.16 -32.31
CA LYS B 294 -2.10 1.52 -32.60
C LYS B 294 -2.92 1.16 -31.34
N TYR B 295 -2.26 0.68 -30.28
CA TYR B 295 -2.97 0.21 -29.08
C TYR B 295 -2.45 0.90 -27.82
N PRO B 296 -2.84 2.16 -27.61
CA PRO B 296 -2.29 2.98 -26.52
C PRO B 296 -2.39 2.37 -25.11
N SER B 297 -3.44 1.62 -24.84
CA SER B 297 -3.64 1.01 -23.52
C SER B 297 -3.25 -0.48 -23.37
N LEU B 298 -2.69 -1.07 -24.41
CA LEU B 298 -2.24 -2.47 -24.35
C LEU B 298 -0.94 -2.57 -23.55
N ASN B 299 -0.81 -3.60 -22.70
CA ASN B 299 0.39 -3.78 -21.90
C ASN B 299 1.47 -4.43 -22.73
N ILE B 300 2.58 -3.71 -22.87
CA ILE B 300 3.69 -4.20 -23.66
C ILE B 300 4.88 -4.57 -22.79
N ILE B 301 5.19 -5.86 -22.78
CA ILE B 301 6.41 -6.33 -22.16
C ILE B 301 7.44 -6.51 -23.28
N ALA B 302 8.58 -5.83 -23.17
CA ALA B 302 9.60 -5.91 -24.23
C ALA B 302 10.97 -6.25 -23.64
N GLY B 303 11.76 -7.00 -24.40
CA GLY B 303 13.10 -7.40 -23.97
C GLY B 303 13.70 -8.29 -25.06
N ASN B 304 14.77 -9.00 -24.78
CA ASN B 304 15.48 -8.97 -23.53
C ASN B 304 16.63 -7.97 -23.55
N VAL B 305 16.82 -7.28 -22.45
CA VAL B 305 17.88 -6.32 -22.34
C VAL B 305 18.70 -6.63 -21.11
N ALA B 306 19.94 -6.17 -21.11
CA ALA B 306 20.80 -6.31 -19.96
C ALA B 306 21.52 -5.03 -19.53
N THR B 307 21.21 -3.92 -20.18
CA THR B 307 21.81 -2.63 -19.85
C THR B 307 20.82 -1.52 -19.57
N ALA B 308 21.29 -0.53 -18.85
CA ALA B 308 20.53 0.65 -18.51
C ALA B 308 20.09 1.43 -19.73
N GLU B 309 20.97 1.53 -20.72
CA GLU B 309 20.75 2.26 -21.97
C GLU B 309 19.69 1.56 -22.81
N ALA B 310 19.77 0.24 -22.86
CA ALA B 310 18.77 -0.57 -23.54
C ALA B 310 17.43 -0.42 -22.85
N THR B 311 17.47 -0.39 -21.54
CA THR B 311 16.23 -0.27 -20.78
C THR B 311 15.58 1.06 -21.10
N LYS B 312 16.36 2.13 -21.14
CA LYS B 312 15.81 3.46 -21.40
C LYS B 312 15.19 3.55 -22.81
N ALA B 313 15.84 2.93 -23.80
CA ALA B 313 15.32 2.95 -25.15
C ALA B 313 14.00 2.20 -25.27
N LEU B 314 13.88 1.09 -24.57
CA LEU B 314 12.62 0.35 -24.64
C LEU B 314 11.48 1.13 -23.98
N ILE B 315 11.80 1.91 -22.96
CA ILE B 315 10.82 2.71 -22.24
C ILE B 315 10.41 3.94 -23.06
N GLU B 316 11.38 4.61 -23.67
N GLU B 316 11.38 4.62 -23.66
CA GLU B 316 11.08 5.75 -24.53
CA GLU B 316 11.07 5.74 -24.55
C GLU B 316 10.35 5.32 -25.82
C GLU B 316 10.13 5.25 -25.65
N ALA B 317 10.35 4.02 -26.09
CA ALA B 317 9.62 3.49 -27.24
C ALA B 317 8.18 3.09 -26.93
N GLY B 318 7.80 3.21 -25.67
CA GLY B 318 6.48 2.82 -25.20
C GLY B 318 6.27 1.54 -24.43
N ALA B 319 7.30 0.75 -24.18
CA ALA B 319 7.10 -0.41 -23.35
C ALA B 319 6.76 0.01 -21.91
N ASN B 320 5.86 -0.70 -21.26
CA ASN B 320 5.58 -0.42 -19.88
C ASN B 320 6.10 -1.46 -18.87
N VAL B 321 6.67 -2.53 -19.41
CA VAL B 321 7.48 -3.50 -18.68
C VAL B 321 8.71 -3.84 -19.48
N VAL B 322 9.85 -3.91 -18.82
CA VAL B 322 11.06 -4.29 -19.47
C VAL B 322 11.60 -5.64 -18.98
N LYS B 323 11.92 -6.52 -19.92
CA LYS B 323 12.39 -7.83 -19.60
C LYS B 323 13.92 -7.96 -19.67
N VAL B 324 14.49 -8.45 -18.58
CA VAL B 324 15.91 -8.46 -18.37
C VAL B 324 16.52 -9.86 -18.34
N GLY B 325 17.51 -10.04 -19.20
CA GLY B 325 18.29 -11.24 -19.25
C GLY B 325 18.89 -11.61 -20.59
N ILE B 326 20.19 -11.43 -20.68
CA ILE B 326 20.98 -11.92 -21.78
C ILE B 326 22.11 -12.79 -21.25
N GLY B 327 22.10 -14.04 -21.66
CA GLY B 327 22.98 -15.10 -21.19
C GLY B 327 22.65 -15.97 -19.97
N PRO B 328 21.86 -15.48 -18.99
CA PRO B 328 21.70 -16.35 -17.81
C PRO B 328 20.80 -17.59 -18.00
N GLY B 329 19.96 -17.62 -19.04
CA GLY B 329 19.02 -18.72 -19.23
C GLY B 329 19.75 -20.06 -19.15
N SER B 330 19.11 -21.05 -18.55
CA SER B 330 19.71 -22.39 -18.35
C SER B 330 19.99 -23.13 -19.66
N ILE B 331 19.10 -22.94 -20.63
CA ILE B 331 19.21 -23.57 -21.95
C ILE B 331 19.95 -22.68 -22.98
N CYS B 332 20.27 -21.44 -22.57
CA CYS B 332 20.99 -20.46 -23.41
C CYS B 332 22.49 -20.72 -23.57
N THR B 333 22.88 -20.79 -24.84
CA THR B 333 24.25 -20.92 -25.27
C THR B 333 24.90 -19.59 -25.67
N THR B 334 24.18 -18.49 -25.48
CA THR B 334 24.68 -17.17 -25.89
C THR B 334 26.12 -16.92 -25.43
N ARG B 335 26.40 -17.28 -24.18
CA ARG B 335 27.69 -17.08 -23.59
C ARG B 335 28.74 -17.90 -24.30
N VAL B 336 28.44 -19.18 -24.56
CA VAL B 336 29.42 -20.09 -25.15
C VAL B 336 29.62 -19.82 -26.65
N VAL B 337 28.52 -19.62 -27.37
CA VAL B 337 28.56 -19.46 -28.80
C VAL B 337 28.98 -18.06 -29.23
N ALA B 338 28.35 -17.05 -28.65
CA ALA B 338 28.65 -15.68 -29.01
C ALA B 338 29.63 -14.95 -28.09
N GLY B 339 29.95 -15.51 -26.92
CA GLY B 339 30.79 -14.82 -25.93
C GLY B 339 30.10 -13.68 -25.21
N VAL B 340 28.78 -13.61 -25.27
CA VAL B 340 28.06 -12.41 -24.81
C VAL B 340 27.19 -12.66 -23.57
N GLY B 341 27.11 -11.67 -22.67
CA GLY B 341 26.15 -11.71 -21.58
C GLY B 341 26.44 -10.72 -20.44
N VAL B 342 25.50 -10.60 -19.50
CA VAL B 342 25.77 -9.85 -18.30
C VAL B 342 25.27 -10.75 -17.17
N PRO B 343 26.05 -10.87 -16.07
CA PRO B 343 25.66 -11.69 -14.90
C PRO B 343 24.34 -11.17 -14.38
N GLN B 344 23.40 -12.05 -14.02
CA GLN B 344 22.00 -11.65 -13.97
C GLN B 344 21.68 -10.59 -12.90
N LEU B 345 22.37 -10.67 -11.77
N LEU B 345 22.38 -10.68 -11.78
CA LEU B 345 22.07 -9.72 -10.71
CA LEU B 345 22.13 -9.77 -10.68
C LEU B 345 22.51 -8.32 -11.09
C LEU B 345 22.51 -8.35 -11.08
N THR B 346 23.68 -8.21 -11.69
CA THR B 346 24.14 -6.93 -12.24
C THR B 346 23.20 -6.38 -13.31
N ALA B 347 22.77 -7.24 -14.24
CA ALA B 347 21.80 -6.88 -15.26
C ALA B 347 20.50 -6.32 -14.66
N VAL B 348 19.93 -7.07 -13.71
CA VAL B 348 18.69 -6.64 -13.07
C VAL B 348 18.89 -5.32 -12.35
N TYR B 349 19.94 -5.21 -11.55
CA TYR B 349 20.22 -3.97 -10.84
C TYR B 349 20.50 -2.79 -11.81
N ASP B 350 21.33 -2.97 -12.83
CA ASP B 350 21.53 -1.89 -13.80
C ASP B 350 20.25 -1.45 -14.53
N CYS B 351 19.43 -2.41 -14.92
CA CYS B 351 18.21 -2.09 -15.62
C CYS B 351 17.18 -1.46 -14.67
N ALA B 352 17.07 -1.99 -13.47
CA ALA B 352 16.16 -1.42 -12.48
C ALA B 352 16.59 0.01 -12.08
N THR B 353 17.90 0.26 -12.02
CA THR B 353 18.37 1.59 -11.71
C THR B 353 17.80 2.58 -12.72
N GLU B 354 17.80 2.19 -13.99
CA GLU B 354 17.23 3.01 -15.04
C GLU B 354 15.71 3.06 -14.92
N ALA B 355 15.08 1.90 -14.83
CA ALA B 355 13.65 1.82 -14.89
C ALA B 355 12.94 2.52 -13.72
N ARG B 356 13.58 2.53 -12.57
CA ARG B 356 12.90 3.05 -11.40
C ARG B 356 12.77 4.58 -11.47
N LYS B 357 13.57 5.22 -12.32
CA LYS B 357 13.41 6.64 -12.58
C LYS B 357 12.07 6.93 -13.30
N HIS B 358 11.64 6.01 -14.16
CA HIS B 358 10.43 6.20 -14.95
C HIS B 358 9.20 5.56 -14.32
N GLY B 359 9.34 4.97 -13.14
CA GLY B 359 8.25 4.21 -12.56
C GLY B 359 7.91 2.93 -13.33
N ILE B 360 8.88 2.40 -14.08
CA ILE B 360 8.67 1.18 -14.88
C ILE B 360 9.21 -0.12 -14.23
N PRO B 361 8.37 -1.15 -14.19
CA PRO B 361 8.80 -2.42 -13.59
C PRO B 361 9.75 -3.23 -14.50
N VAL B 362 10.72 -3.95 -13.91
CA VAL B 362 11.46 -4.94 -14.69
C VAL B 362 11.13 -6.36 -14.28
N ILE B 363 11.26 -7.26 -15.26
CA ILE B 363 11.13 -8.69 -15.06
C ILE B 363 12.51 -9.33 -15.12
N ALA B 364 12.88 -10.12 -14.10
CA ALA B 364 14.14 -10.82 -14.15
C ALA B 364 13.85 -12.14 -14.83
N ASP B 365 14.38 -12.32 -16.03
CA ASP B 365 14.13 -13.52 -16.80
C ASP B 365 15.39 -14.34 -17.00
N GLY B 366 15.45 -15.52 -16.38
CA GLY B 366 16.55 -16.45 -16.58
C GLY B 366 17.51 -16.64 -15.41
N GLY B 367 18.11 -17.82 -15.36
CA GLY B 367 19.13 -18.14 -14.38
C GLY B 367 18.67 -18.53 -12.99
N ILE B 368 17.37 -18.64 -12.75
CA ILE B 368 16.91 -18.88 -11.38
C ILE B 368 16.72 -20.36 -11.14
N LYS B 369 17.59 -20.97 -10.33
CA LYS B 369 17.39 -22.38 -9.97
C LYS B 369 16.76 -22.71 -8.62
N TYR B 370 16.64 -21.72 -7.75
CA TYR B 370 16.24 -21.95 -6.37
C TYR B 370 15.42 -20.77 -5.92
N SER B 371 14.54 -20.95 -4.95
CA SER B 371 13.74 -19.83 -4.48
C SER B 371 14.62 -18.70 -3.93
N GLY B 372 15.75 -19.05 -3.31
CA GLY B 372 16.70 -18.04 -2.87
C GLY B 372 17.17 -17.10 -3.97
N ASP B 373 17.35 -17.64 -5.17
CA ASP B 373 17.71 -16.84 -6.35
C ASP B 373 16.60 -15.85 -6.72
N VAL B 375 14.44 -14.53 -4.55
CA VAL B 375 14.54 -13.48 -3.55
C VAL B 375 15.61 -12.45 -3.93
N LYS B 376 16.78 -12.92 -4.36
CA LYS B 376 17.89 -12.05 -4.72
C LYS B 376 17.55 -11.15 -5.91
N ALA B 377 16.92 -11.75 -6.93
CA ALA B 377 16.51 -11.00 -8.09
C ALA B 377 15.51 -9.88 -7.74
N LEU B 378 14.55 -10.17 -6.87
CA LEU B 378 13.56 -9.15 -6.49
C LEU B 378 14.26 -8.04 -5.68
N ALA B 379 15.19 -8.42 -4.81
CA ALA B 379 15.91 -7.49 -3.95
C ALA B 379 16.92 -6.67 -4.75
N ALA B 380 17.32 -7.20 -5.90
CA ALA B 380 18.21 -6.47 -6.80
C ALA B 380 17.43 -5.44 -7.61
N GLY B 381 16.11 -5.39 -7.42
CA GLY B 381 15.26 -4.47 -8.16
C GLY B 381 14.22 -4.95 -9.17
N ALA B 382 14.16 -6.23 -9.48
CA ALA B 382 13.08 -6.69 -10.32
C ALA B 382 11.74 -6.67 -9.55
N HIS B 383 10.64 -6.42 -10.26
CA HIS B 383 9.29 -6.54 -9.68
C HIS B 383 8.82 -7.98 -9.62
N VAL B 384 9.20 -8.78 -10.64
CA VAL B 384 8.76 -10.16 -10.75
C VAL B 384 9.85 -10.95 -11.43
N VAL B 385 9.79 -12.28 -11.28
CA VAL B 385 10.70 -13.17 -12.01
C VAL B 385 9.91 -14.02 -13.02
N LEU B 387 10.12 -17.74 -15.07
CA LEU B 387 10.75 -19.05 -14.86
C LEU B 387 10.38 -19.95 -16.03
N GLY B 388 11.34 -20.39 -16.84
CA GLY B 388 11.05 -21.51 -17.73
C GLY B 388 11.20 -22.93 -17.21
N SER B 389 12.42 -23.27 -16.82
CA SER B 389 12.77 -24.67 -16.56
C SER B 389 12.34 -25.15 -15.18
N PHE B 391 9.48 -24.56 -14.16
CA PHE B 391 8.09 -24.93 -14.42
C PHE B 391 7.89 -26.06 -15.47
N ALA B 392 8.95 -26.49 -16.13
CA ALA B 392 8.77 -27.38 -17.29
C ALA B 392 8.24 -28.76 -16.93
N GLY B 393 8.62 -29.25 -15.75
CA GLY B 393 8.12 -30.54 -15.29
C GLY B 393 6.73 -30.60 -14.65
N VAL B 394 6.09 -29.45 -14.39
CA VAL B 394 4.79 -29.49 -13.70
C VAL B 394 3.67 -30.01 -14.61
N ALA B 395 2.66 -30.59 -13.97
CA ALA B 395 1.54 -31.24 -14.66
C ALA B 395 0.91 -30.39 -15.76
N GLU B 396 0.63 -29.13 -15.47
CA GLU B 396 -0.08 -28.24 -16.40
C GLU B 396 0.76 -27.76 -17.58
N SER B 397 2.05 -28.04 -17.56
CA SER B 397 2.90 -27.66 -18.69
C SER B 397 2.62 -28.62 -19.85
N PRO B 398 2.74 -28.11 -21.09
CA PRO B 398 2.35 -28.91 -22.25
C PRO B 398 3.28 -30.11 -22.47
N GLY B 399 2.79 -31.11 -23.19
CA GLY B 399 3.55 -32.32 -23.38
C GLY B 399 3.00 -33.40 -22.49
N GLU B 400 3.14 -34.65 -22.91
CA GLU B 400 2.49 -35.71 -22.14
C GLU B 400 3.40 -36.42 -21.16
N THR B 401 2.82 -37.43 -20.53
CA THR B 401 3.43 -38.16 -19.43
C THR B 401 3.70 -39.62 -19.81
N GLU B 402 4.90 -40.08 -19.48
CA GLU B 402 5.22 -41.49 -19.64
C GLU B 402 6.04 -41.97 -18.45
N ILE B 403 6.18 -43.28 -18.32
CA ILE B 403 7.01 -43.89 -17.29
C ILE B 403 8.31 -44.38 -17.93
N TYR B 404 9.46 -43.81 -17.56
CA TYR B 404 10.67 -44.17 -18.27
C TYR B 404 11.35 -45.38 -17.63
N GLN B 405 12.07 -45.15 -16.53
CA GLN B 405 12.51 -46.26 -15.70
C GLN B 405 12.01 -45.99 -14.32
N GLY B 406 10.96 -46.68 -13.87
CA GLY B 406 10.48 -46.51 -12.51
C GLY B 406 9.97 -45.11 -12.20
N ARG B 407 10.06 -44.21 -13.18
CA ARG B 407 9.95 -42.77 -12.96
C ARG B 407 8.95 -42.17 -13.95
N GLN B 408 8.06 -41.31 -13.47
CA GLN B 408 7.17 -40.58 -14.36
C GLN B 408 7.93 -39.41 -14.99
N PHE B 409 7.55 -39.04 -16.21
CA PHE B 409 8.26 -38.00 -16.95
C PHE B 409 7.33 -37.19 -17.87
N LYS B 410 7.69 -35.93 -18.08
CA LYS B 410 7.04 -35.08 -19.07
C LYS B 410 7.82 -35.26 -20.38
N VAL B 411 7.13 -35.43 -21.51
CA VAL B 411 7.82 -35.59 -22.79
C VAL B 411 7.46 -34.53 -23.86
N VAL B 446 12.53 -35.02 -18.93
CA VAL B 446 12.39 -33.98 -17.90
C VAL B 446 11.52 -34.46 -16.73
N PRO B 447 12.04 -34.30 -15.49
CA PRO B 447 11.40 -34.88 -14.29
C PRO B 447 10.06 -34.24 -13.98
N TYR B 448 9.07 -35.09 -13.74
CA TYR B 448 7.72 -34.63 -13.44
C TYR B 448 7.65 -34.10 -12.00
N LYS B 449 7.22 -32.85 -11.85
CA LYS B 449 7.22 -32.15 -10.56
C LYS B 449 5.88 -32.14 -9.83
N GLY B 450 4.84 -32.69 -10.44
CA GLY B 450 3.51 -32.60 -9.85
C GLY B 450 2.81 -31.30 -10.21
N PRO B 451 1.70 -31.00 -9.52
CA PRO B 451 0.90 -29.80 -9.82
C PRO B 451 1.69 -28.50 -9.64
N LEU B 452 1.40 -27.52 -10.49
CA LEU B 452 2.03 -26.20 -10.41
C LEU B 452 1.97 -25.66 -8.98
N ALA B 453 0.82 -25.85 -8.32
CA ALA B 453 0.57 -25.31 -6.99
C ALA B 453 1.62 -25.73 -5.97
N ASP B 454 2.17 -26.93 -6.12
CA ASP B 454 3.16 -27.41 -5.18
C ASP B 454 4.46 -26.65 -5.36
N THR B 455 4.82 -26.34 -6.60
CA THR B 455 6.05 -25.57 -6.84
C THR B 455 5.95 -24.10 -6.43
N VAL B 456 4.89 -23.44 -6.87
CA VAL B 456 4.54 -22.09 -6.46
C VAL B 456 4.55 -21.94 -4.94
N HIS B 457 3.96 -22.92 -4.25
CA HIS B 457 3.92 -22.87 -2.80
C HIS B 457 5.33 -22.90 -2.18
N GLN B 458 6.22 -23.77 -2.67
CA GLN B 458 7.61 -23.75 -2.20
C GLN B 458 8.28 -22.40 -2.50
N LEU B 459 8.13 -21.90 -3.73
CA LEU B 459 8.75 -20.62 -4.12
C LEU B 459 8.27 -19.47 -3.23
N VAL B 460 6.98 -19.45 -2.96
CA VAL B 460 6.41 -18.32 -2.22
C VAL B 460 6.81 -18.41 -0.74
N GLY B 461 6.89 -19.64 -0.23
CA GLY B 461 7.39 -19.86 1.12
C GLY B 461 8.81 -19.32 1.28
N GLY B 462 9.67 -19.63 0.30
CA GLY B 462 11.04 -19.17 0.33
C GLY B 462 11.10 -17.65 0.32
N LEU B 463 10.26 -17.04 -0.49
CA LEU B 463 10.23 -15.60 -0.65
C LEU B 463 9.80 -14.93 0.65
N ARG B 464 8.76 -15.48 1.28
CA ARG B 464 8.28 -14.94 2.56
C ARG B 464 9.34 -15.02 3.65
N ALA B 465 10.05 -16.14 3.69
CA ALA B 465 11.11 -16.33 4.66
C ALA B 465 12.19 -15.30 4.43
N GLY B 466 12.60 -15.13 3.17
CA GLY B 466 13.60 -14.13 2.83
C GLY B 466 13.15 -12.72 3.20
N GLY B 468 11.00 -11.92 5.54
CA GLY B 468 11.04 -11.85 6.98
C GLY B 468 12.43 -11.52 7.50
N TYR B 469 13.45 -12.22 7.01
CA TYR B 469 14.85 -11.93 7.35
C TYR B 469 15.26 -10.51 7.03
N CYS B 470 14.72 -9.96 5.94
CA CYS B 470 15.14 -8.66 5.47
C CYS B 470 14.30 -7.52 6.06
N GLY B 471 13.34 -7.87 6.92
CA GLY B 471 12.41 -6.90 7.47
C GLY B 471 11.53 -6.23 6.44
N ALA B 472 11.17 -6.96 5.38
CA ALA B 472 10.36 -6.39 4.29
C ALA B 472 8.92 -6.85 4.39
N GLN B 473 8.03 -5.89 4.50
CA GLN B 473 6.59 -6.08 4.61
C GLN B 473 5.97 -6.29 3.25
N ASP B 474 6.62 -5.74 2.24
CA ASP B 474 6.09 -5.77 0.89
C ASP B 474 7.26 -5.69 -0.10
N LEU B 475 7.00 -5.97 -1.37
CA LEU B 475 8.05 -6.10 -2.36
C LEU B 475 8.77 -4.78 -2.61
N GLU B 476 8.06 -3.68 -2.49
CA GLU B 476 8.71 -2.40 -2.75
C GLU B 476 9.78 -2.13 -1.70
N PHE B 477 9.46 -2.38 -0.44
CA PHE B 477 10.44 -2.26 0.61
C PHE B 477 11.66 -3.16 0.35
N LEU B 478 11.42 -4.40 -0.08
CA LEU B 478 12.50 -5.32 -0.38
C LEU B 478 13.44 -4.71 -1.46
N ARG B 479 12.90 -4.35 -2.63
CA ARG B 479 13.68 -3.70 -3.66
C ARG B 479 14.46 -2.48 -3.18
N GLU B 480 13.78 -1.60 -2.45
CA GLU B 480 14.37 -0.33 -2.13
C GLU B 480 15.38 -0.46 -0.99
N ASN B 481 15.08 -1.28 0.01
CA ASN B 481 15.98 -1.42 1.17
C ASN B 481 16.94 -2.60 1.33
N ALA B 482 16.74 -3.70 0.60
CA ALA B 482 17.49 -4.93 0.95
C ALA B 482 18.94 -4.74 0.60
N GLN B 483 19.84 -5.26 1.45
CA GLN B 483 21.26 -5.10 1.25
C GLN B 483 21.85 -6.50 1.04
N PHE B 484 22.89 -6.58 0.23
CA PHE B 484 23.59 -7.82 -0.12
C PHE B 484 24.98 -7.76 0.48
N ILE B 485 25.56 -8.93 0.72
CA ILE B 485 26.99 -9.01 1.03
C ILE B 485 27.62 -9.92 -0.04
N ARG B 486 28.78 -9.52 -0.57
N ARG B 486 28.77 -9.49 -0.59
CA ARG B 486 29.48 -10.30 -1.58
CA ARG B 486 29.48 -10.27 -1.59
C ARG B 486 30.37 -11.35 -0.93
C ARG B 486 30.32 -11.36 -0.91
N SER B 488 33.07 -15.04 -1.69
CA SER B 488 33.95 -15.74 -2.63
C SER B 488 33.32 -17.10 -3.02
N GLY B 489 33.99 -17.84 -3.89
CA GLY B 489 33.58 -19.21 -4.16
C GLY B 489 33.59 -20.10 -2.93
N ALA B 490 34.56 -19.88 -2.03
CA ALA B 490 34.63 -20.60 -0.78
C ALA B 490 33.45 -20.19 0.07
N GLY B 491 33.04 -18.94 -0.11
CA GLY B 491 31.85 -18.42 0.55
C GLY B 491 30.59 -19.17 0.15
N LEU B 492 30.52 -19.53 -1.12
CA LEU B 492 29.39 -20.26 -1.70
C LEU B 492 29.18 -21.63 -1.04
N LEU B 493 30.30 -22.29 -0.73
CA LEU B 493 30.33 -23.68 -0.24
C LEU B 493 30.27 -23.77 1.28
#